data_3BJB
#
_entry.id   3BJB
#
_cell.length_a   93.767
_cell.length_b   93.767
_cell.length_c   314.912
_cell.angle_alpha   90.00
_cell.angle_beta   90.00
_cell.angle_gamma   90.00
#
_symmetry.space_group_name_H-M   'P 41 21 2'
#
loop_
_entity.id
_entity.type
_entity.pdbx_description
1 polymer 'Probable transcriptional regulator, TetR family protein'
2 non-polymer 'SULFATE ION'
3 water water
#
_entity_poly.entity_id   1
_entity_poly.type   'polypeptide(L)'
_entity_poly.pdbx_seq_one_letter_code
;GHVPRIAEVRDAAEPSSEEQRARHVR(MSE)LEAAIELATEKELARVQ(MSE)HEVAKRAGVAIGTLYRYFPSKTHLFVA
V(MSE)VDQIDR(MSE)GVGFKKSAPPGESPQDAVYNVLVRATRGLLRRPALSTA(MSE)IQSTSTANVASVPDAGKVDR
AFRQI(MSE)LDAAGIEHPTEEDLTALRLLVQLWFGVIQSCLNGRVSIPDAESDIRRACDLLLVNLSHRGS
;
_entity_poly.pdbx_strand_id   A,B,C,D,E,F
#
loop_
_chem_comp.id
_chem_comp.type
_chem_comp.name
_chem_comp.formula
SO4 non-polymer 'SULFATE ION' 'O4 S -2'
#
# COMPACT_ATOMS: atom_id res chain seq x y z
N SER A 17 53.11 6.29 9.55
CA SER A 17 53.31 7.71 10.13
C SER A 17 53.05 8.78 9.06
N GLU A 18 53.56 8.54 7.85
CA GLU A 18 53.23 9.38 6.71
C GLU A 18 52.48 8.57 5.66
N GLU A 19 52.64 7.24 5.73
CA GLU A 19 51.67 6.32 5.12
C GLU A 19 50.32 6.81 5.59
N GLN A 20 50.28 7.15 6.88
CA GLN A 20 49.10 7.64 7.56
C GLN A 20 48.63 9.03 7.08
N ARG A 21 49.58 9.85 6.63
CA ARG A 21 49.23 11.21 6.21
C ARG A 21 48.78 11.21 4.75
N ALA A 22 49.38 10.31 3.96
CA ALA A 22 48.94 10.04 2.59
C ALA A 22 47.54 9.41 2.61
N ARG A 23 47.35 8.45 3.51
CA ARG A 23 46.06 7.83 3.77
C ARG A 23 44.97 8.89 3.96
N HIS A 24 45.38 10.03 4.51
CA HIS A 24 44.44 11.13 4.82
C HIS A 24 44.11 12.00 3.61
N VAL A 25 45.13 12.22 2.78
CA VAL A 25 45.00 12.89 1.49
C VAL A 25 44.18 12.01 0.51
N ARG A 26 44.26 10.69 0.64
CA ARG A 26 43.48 9.78 -0.23
C ARG A 26 41.99 9.94 -0.01
N MSE A 27 41.59 9.95 1.25
CA MSE A 27 40.19 10.02 1.60
C MSE A 27 39.50 11.33 1.15
O MSE A 27 38.44 11.29 0.54
CB MSE A 27 40.04 9.74 3.09
CG MSE A 27 40.78 8.48 3.52
SE MSE A 27 40.37 8.10 5.38
CE MSE A 27 41.28 6.46 5.79
N LEU A 28 40.17 12.46 1.38
CA LEU A 28 39.72 13.79 0.93
C LEU A 28 39.55 13.98 -0.57
N GLU A 29 40.49 13.48 -1.37
CA GLU A 29 40.26 13.47 -2.83
C GLU A 29 39.19 12.48 -3.30
N ALA A 30 39.24 11.25 -2.77
CA ALA A 30 38.15 10.31 -2.98
C ALA A 30 36.82 11.05 -2.82
N ALA A 31 36.62 11.68 -1.65
CA ALA A 31 35.44 12.52 -1.36
C ALA A 31 35.20 13.65 -2.37
N ILE A 32 36.23 14.45 -2.63
CA ILE A 32 36.13 15.50 -3.64
C ILE A 32 35.63 14.89 -4.94
N GLU A 33 36.28 13.83 -5.38
CA GLU A 33 35.99 13.17 -6.64
C GLU A 33 34.53 12.68 -6.74
N LEU A 34 34.00 12.13 -5.66
CA LEU A 34 32.65 11.63 -5.66
C LEU A 34 31.57 12.71 -5.68
N ALA A 35 31.82 13.83 -5.01
CA ALA A 35 30.84 14.91 -4.91
C ALA A 35 30.70 15.63 -6.25
N THR A 36 31.62 15.35 -7.17
CA THR A 36 31.56 15.87 -8.53
C THR A 36 30.77 14.93 -9.42
N GLU A 37 31.09 13.64 -9.34
CA GLU A 37 30.36 12.61 -10.09
C GLU A 37 28.88 12.55 -9.66
N LYS A 38 28.64 12.84 -8.38
CA LYS A 38 27.36 12.52 -7.76
C LYS A 38 26.91 13.62 -6.76
N GLU A 39 25.60 13.80 -6.63
CA GLU A 39 25.04 14.77 -5.68
C GLU A 39 25.20 14.23 -4.23
N LEU A 40 25.22 15.13 -3.23
CA LEU A 40 25.69 14.75 -1.88
C LEU A 40 24.82 13.66 -1.32
N ALA A 41 23.52 13.78 -1.53
CA ALA A 41 22.60 12.80 -0.98
C ALA A 41 22.89 11.35 -1.41
N ARG A 42 23.51 11.19 -2.58
CA ARG A 42 23.82 9.90 -3.15
C ARG A 42 25.31 9.49 -3.06
N VAL A 43 26.20 10.39 -2.61
CA VAL A 43 27.59 10.00 -2.38
C VAL A 43 27.61 8.97 -1.28
N GLN A 44 28.23 7.83 -1.47
CA GLN A 44 28.19 6.86 -0.41
C GLN A 44 29.54 6.56 0.25
N MSE A 45 29.54 6.52 1.57
CA MSE A 45 30.73 6.24 2.36
C MSE A 45 31.50 5.02 1.86
O MSE A 45 32.72 5.08 1.69
CB MSE A 45 30.44 6.22 3.89
CG MSE A 45 29.94 7.57 4.49
SE MSE A 45 31.31 8.96 4.49
CE MSE A 45 32.23 8.46 6.12
N HIS A 46 30.82 3.91 1.57
CA HIS A 46 31.54 2.79 0.98
C HIS A 46 32.21 3.06 -0.32
N GLU A 47 31.65 3.95 -1.14
CA GLU A 47 32.36 4.30 -2.38
C GLU A 47 33.61 5.12 -2.06
N VAL A 48 33.57 5.90 -0.97
CA VAL A 48 34.71 6.74 -0.56
C VAL A 48 35.91 5.94 -0.07
N ALA A 49 35.64 4.92 0.74
CA ALA A 49 36.69 4.02 1.25
C ALA A 49 37.35 3.20 0.15
N LYS A 50 36.51 2.55 -0.66
CA LYS A 50 36.94 1.70 -1.77
C LYS A 50 37.88 2.47 -2.73
N ARG A 51 37.36 3.57 -3.30
CA ARG A 51 38.08 4.58 -4.10
C ARG A 51 39.32 5.19 -3.41
N ALA A 52 39.36 5.15 -2.08
CA ALA A 52 40.50 5.68 -1.31
C ALA A 52 41.46 4.58 -0.86
N GLY A 53 41.06 3.34 -1.12
CA GLY A 53 41.86 2.19 -0.77
C GLY A 53 41.94 1.92 0.72
N VAL A 54 40.97 2.36 1.51
CA VAL A 54 41.05 2.12 2.94
C VAL A 54 39.93 1.22 3.43
N ALA A 55 40.16 0.54 4.54
CA ALA A 55 39.09 -0.26 5.13
C ALA A 55 38.09 0.72 5.65
N ILE A 56 36.86 0.23 5.78
CA ILE A 56 35.72 1.08 6.01
C ILE A 56 35.68 1.52 7.45
N GLY A 57 36.32 0.75 8.32
CA GLY A 57 36.46 1.13 9.70
C GLY A 57 37.29 2.38 9.83
N THR A 58 38.40 2.41 9.10
CA THR A 58 39.35 3.49 9.17
C THR A 58 38.68 4.76 8.66
N LEU A 59 37.97 4.66 7.53
CA LEU A 59 37.25 5.83 7.01
C LEU A 59 36.38 6.51 8.10
N TYR A 60 35.53 5.75 8.80
CA TYR A 60 34.61 6.34 9.76
C TYR A 60 35.28 6.71 11.07
N ARG A 61 36.36 6.02 11.35
CA ARG A 61 37.25 6.41 12.44
C ARG A 61 37.72 7.86 12.27
N TYR A 62 38.13 8.23 11.07
CA TYR A 62 38.56 9.60 10.80
C TYR A 62 37.43 10.51 10.35
N PHE A 63 36.32 9.99 9.86
CA PHE A 63 35.21 10.86 9.51
C PHE A 63 33.92 10.12 9.84
N PRO A 64 33.43 10.25 11.10
CA PRO A 64 32.24 9.58 11.67
C PRO A 64 30.97 9.66 10.82
N SER A 65 30.95 10.57 9.84
CA SER A 65 29.78 10.66 8.97
C SER A 65 30.18 11.43 7.76
N LYS A 66 29.22 11.59 6.87
CA LYS A 66 29.41 12.21 5.59
C LYS A 66 29.60 13.69 5.86
N THR A 67 28.81 14.25 6.78
CA THR A 67 28.95 15.62 7.17
C THR A 67 30.39 15.87 7.63
N HIS A 68 30.99 14.98 8.43
CA HIS A 68 32.33 15.28 9.00
C HIS A 68 33.34 15.40 7.92
N LEU A 69 33.00 14.79 6.79
CA LEU A 69 33.98 14.46 5.78
C LEU A 69 33.95 15.59 4.78
N PHE A 70 32.76 16.07 4.43
CA PHE A 70 32.70 17.26 3.56
C PHE A 70 32.93 18.62 4.27
N VAL A 71 32.86 18.62 5.61
CA VAL A 71 33.43 19.72 6.37
C VAL A 71 34.96 19.67 6.39
N ALA A 72 35.54 18.49 6.52
CA ALA A 72 36.99 18.39 6.39
C ALA A 72 37.42 18.83 4.96
N VAL A 73 36.60 18.49 3.96
CA VAL A 73 36.87 18.89 2.59
C VAL A 73 36.77 20.41 2.52
N MSE A 74 35.71 20.97 3.09
CA MSE A 74 35.57 22.41 3.22
C MSE A 74 36.83 23.07 3.76
O MSE A 74 37.34 24.01 3.17
CB MSE A 74 34.36 22.77 4.08
CG MSE A 74 34.17 24.24 4.33
SE MSE A 74 33.19 25.25 2.93
CE MSE A 74 34.63 26.02 1.86
N VAL A 75 37.35 22.57 4.89
CA VAL A 75 38.49 23.20 5.60
C VAL A 75 39.68 23.13 4.70
N ASP A 76 39.83 21.99 4.05
CA ASP A 76 41.01 21.73 3.24
C ASP A 76 40.98 22.57 1.98
N GLN A 77 39.79 22.77 1.44
CA GLN A 77 39.61 23.58 0.25
C GLN A 77 39.84 25.07 0.46
N ILE A 78 39.54 25.58 1.66
CA ILE A 78 39.88 26.97 2.02
C ILE A 78 41.40 27.16 2.13
N ASP A 79 42.06 26.39 2.99
CA ASP A 79 43.53 26.40 3.14
C ASP A 79 44.28 26.57 1.80
N ARG A 80 43.58 26.33 0.69
CA ARG A 80 44.17 26.43 -0.65
C ARG A 80 43.68 27.64 -1.47
N MSE A 81 43.24 28.71 -0.81
CA MSE A 81 42.73 29.91 -1.50
C MSE A 81 43.77 31.02 -1.58
O MSE A 81 44.55 31.19 -0.65
CB MSE A 81 41.46 30.46 -0.83
CG MSE A 81 40.17 29.80 -1.25
SE MSE A 81 38.65 30.27 -0.10
CE MSE A 81 37.36 28.93 -0.73
N GLY A 92 44.39 43.73 -6.19
CA GLY A 92 45.75 44.23 -6.26
C GLY A 92 46.36 44.57 -4.89
N GLU A 93 47.06 45.71 -4.82
CA GLU A 93 47.70 46.13 -3.55
C GLU A 93 46.73 46.56 -2.42
N SER A 94 46.08 47.73 -2.54
CA SER A 94 44.99 48.15 -1.64
C SER A 94 44.23 46.99 -0.93
N PRO A 95 44.28 46.95 0.42
CA PRO A 95 43.69 45.79 1.14
C PRO A 95 42.32 45.36 0.62
N GLN A 96 41.36 46.29 0.55
CA GLN A 96 40.02 45.94 0.02
C GLN A 96 40.08 45.15 -1.28
N ASP A 97 40.78 45.71 -2.28
CA ASP A 97 40.94 45.09 -3.62
C ASP A 97 41.53 43.67 -3.60
N ALA A 98 42.50 43.46 -2.73
CA ALA A 98 43.18 42.19 -2.65
C ALA A 98 42.24 41.17 -2.08
N VAL A 99 41.54 41.58 -1.02
CA VAL A 99 40.57 40.73 -0.32
C VAL A 99 39.49 40.42 -1.30
N TYR A 100 38.95 41.46 -1.89
CA TYR A 100 37.94 41.34 -2.90
C TYR A 100 38.37 40.34 -3.94
N ASN A 101 39.59 40.51 -4.44
CA ASN A 101 40.08 39.77 -5.59
C ASN A 101 40.25 38.31 -5.24
N VAL A 102 40.51 38.05 -3.97
CA VAL A 102 40.63 36.69 -3.50
C VAL A 102 39.22 36.06 -3.45
N LEU A 103 38.21 36.87 -3.13
CA LEU A 103 36.84 36.38 -3.10
C LEU A 103 36.32 36.13 -4.49
N VAL A 104 36.66 37.02 -5.43
CA VAL A 104 36.17 36.86 -6.80
C VAL A 104 36.82 35.63 -7.40
N ARG A 105 38.12 35.45 -7.14
CA ARG A 105 38.84 34.26 -7.63
C ARG A 105 38.25 32.99 -7.04
N ALA A 106 37.92 33.00 -5.74
CA ALA A 106 37.36 31.82 -5.04
C ALA A 106 35.89 31.55 -5.37
N THR A 107 35.17 32.60 -5.73
CA THR A 107 33.79 32.48 -6.16
C THR A 107 33.69 31.68 -7.45
N ARG A 108 34.54 32.06 -8.42
CA ARG A 108 34.54 31.40 -9.73
C ARG A 108 34.95 29.94 -9.64
N GLY A 109 35.89 29.65 -8.73
CA GLY A 109 36.33 28.28 -8.45
C GLY A 109 35.21 27.39 -7.96
N LEU A 110 34.52 27.86 -6.93
CA LEU A 110 33.38 27.13 -6.40
C LEU A 110 32.18 27.00 -7.37
N LEU A 111 31.97 27.98 -8.25
CA LEU A 111 30.76 27.98 -9.06
C LEU A 111 30.88 27.21 -10.35
N ARG A 112 32.11 26.90 -10.77
CA ARG A 112 32.22 25.91 -11.83
C ARG A 112 32.66 24.54 -11.33
N ARG A 113 32.16 24.20 -10.14
CA ARG A 113 32.11 22.82 -9.66
C ARG A 113 30.91 22.77 -8.74
N PRO A 114 29.70 23.05 -9.25
CA PRO A 114 28.62 23.39 -8.33
C PRO A 114 28.15 22.22 -7.46
N ALA A 115 28.41 21.00 -7.92
CA ALA A 115 28.09 19.81 -7.14
C ALA A 115 29.00 19.76 -5.91
N LEU A 116 30.29 19.96 -6.12
CA LEU A 116 31.26 19.85 -5.03
C LEU A 116 31.07 20.98 -4.05
N SER A 117 30.89 22.19 -4.58
CA SER A 117 30.54 23.34 -3.76
C SER A 117 29.31 23.10 -2.91
N THR A 118 28.24 22.57 -3.51
CA THR A 118 27.03 22.28 -2.76
C THR A 118 27.29 21.28 -1.65
N ALA A 119 28.11 20.26 -1.87
CA ALA A 119 28.33 19.26 -0.82
C ALA A 119 28.99 19.97 0.34
N MSE A 120 30.02 20.76 0.04
CA MSE A 120 30.81 21.49 1.04
C MSE A 120 30.00 22.52 1.83
O MSE A 120 30.03 22.51 3.04
CB MSE A 120 32.01 22.18 0.40
CG MSE A 120 33.05 21.25 -0.19
SE MSE A 120 34.53 22.34 -0.95
CE MSE A 120 35.02 23.28 0.67
N ILE A 121 29.30 23.42 1.14
CA ILE A 121 28.51 24.46 1.78
C ILE A 121 27.26 23.87 2.48
N GLN A 122 26.66 22.82 1.94
CA GLN A 122 25.49 22.26 2.60
C GLN A 122 25.98 21.63 3.91
N SER A 123 26.98 20.76 3.83
CA SER A 123 27.56 20.14 5.02
C SER A 123 28.02 21.14 6.04
N THR A 124 28.70 22.19 5.58
CA THR A 124 29.09 23.23 6.49
C THR A 124 27.90 23.97 7.10
N SER A 125 27.03 24.54 6.26
CA SER A 125 25.99 25.40 6.80
C SER A 125 25.13 24.62 7.77
N THR A 126 25.26 23.29 7.70
CA THR A 126 24.41 22.39 8.49
C THR A 126 25.05 21.81 9.76
N ALA A 127 26.39 21.83 9.86
CA ALA A 127 27.11 21.04 10.90
C ALA A 127 27.08 21.69 12.30
N ASN A 128 26.61 20.97 13.29
CA ASN A 128 26.71 21.54 14.64
C ASN A 128 28.16 21.41 15.12
N VAL A 129 28.71 22.45 15.73
CA VAL A 129 30.12 22.38 16.14
C VAL A 129 30.41 21.32 17.18
N ALA A 130 29.46 20.97 18.04
CA ALA A 130 29.77 19.86 18.95
C ALA A 130 29.85 18.48 18.25
N SER A 131 28.96 18.24 17.28
CA SER A 131 28.93 16.99 16.49
C SER A 131 30.08 16.91 15.53
N VAL A 132 30.38 18.01 14.85
CA VAL A 132 31.47 18.03 13.87
C VAL A 132 32.47 19.15 14.18
N PRO A 133 33.49 18.77 14.99
CA PRO A 133 34.47 19.75 15.46
C PRO A 133 35.09 20.54 14.32
N ASP A 134 35.32 19.92 13.16
CA ASP A 134 36.02 20.65 12.09
C ASP A 134 35.23 21.87 11.65
N ALA A 135 33.96 21.90 12.01
CA ALA A 135 33.09 22.97 11.58
C ALA A 135 33.48 24.22 12.32
N GLY A 136 33.97 24.07 13.55
CA GLY A 136 34.46 25.23 14.31
C GLY A 136 35.84 25.69 13.89
N LYS A 137 36.33 25.19 12.77
CA LYS A 137 37.66 25.47 12.29
C LYS A 137 37.56 26.22 11.00
N VAL A 138 36.36 26.30 10.44
CA VAL A 138 36.21 26.93 9.13
C VAL A 138 36.22 28.45 9.21
N ASP A 139 35.66 29.02 10.28
CA ASP A 139 35.66 30.49 10.45
C ASP A 139 37.08 30.98 10.65
N ARG A 140 37.83 30.20 11.43
CA ARG A 140 39.24 30.40 11.75
C ARG A 140 40.13 30.21 10.51
N ALA A 141 39.74 29.34 9.59
CA ALA A 141 40.55 29.12 8.40
C ALA A 141 40.31 30.16 7.30
N PHE A 142 39.07 30.57 7.07
CA PHE A 142 38.78 31.69 6.17
C PHE A 142 39.52 32.96 6.58
N ARG A 143 39.40 33.28 7.87
CA ARG A 143 40.10 34.39 8.54
C ARG A 143 41.57 34.49 8.16
N GLN A 144 42.36 33.45 8.48
CA GLN A 144 43.79 33.41 8.18
C GLN A 144 44.04 33.83 6.73
N ILE A 145 43.17 33.39 5.81
CA ILE A 145 43.30 33.78 4.38
C ILE A 145 42.78 35.18 3.99
N MSE A 146 41.88 35.76 4.81
CA MSE A 146 41.49 37.13 4.62
C MSE A 146 42.60 38.08 5.08
O MSE A 146 42.82 39.13 4.48
CB MSE A 146 40.23 37.43 5.40
CG MSE A 146 39.04 36.58 4.96
SE MSE A 146 38.24 37.18 3.28
CE MSE A 146 39.42 36.36 1.96
N LEU A 147 43.27 37.69 6.16
CA LEU A 147 44.40 38.42 6.72
C LEU A 147 45.59 38.38 5.77
N ASP A 148 45.78 37.21 5.15
CA ASP A 148 46.81 37.02 4.14
C ASP A 148 46.49 37.71 2.80
N ALA A 149 45.24 38.08 2.58
CA ALA A 149 44.84 38.82 1.39
C ALA A 149 44.97 40.31 1.65
N ALA A 150 44.72 40.72 2.89
CA ALA A 150 44.73 42.15 3.27
C ALA A 150 46.09 42.65 3.79
N GLY A 151 47.10 41.80 3.72
CA GLY A 151 48.39 42.09 4.35
C GLY A 151 48.33 41.85 5.85
N HIS A 154 48.21 45.23 12.86
CA HIS A 154 48.46 44.00 12.14
C HIS A 154 47.33 42.94 12.23
N PRO A 155 46.07 43.33 12.55
CA PRO A 155 45.37 44.49 13.10
C PRO A 155 44.51 44.16 14.35
N THR A 156 43.63 45.08 14.73
CA THR A 156 42.77 44.92 15.92
C THR A 156 41.29 44.58 15.60
N GLU A 157 40.43 44.67 16.62
CA GLU A 157 39.02 44.27 16.54
C GLU A 157 38.25 44.53 15.24
N GLU A 158 37.98 45.81 14.95
CA GLU A 158 37.10 46.23 13.84
C GLU A 158 37.42 45.55 12.53
N ASP A 159 38.70 45.25 12.33
CA ASP A 159 39.17 44.53 11.18
C ASP A 159 38.66 43.10 11.16
N LEU A 160 38.85 42.40 12.27
CA LEU A 160 38.43 41.02 12.37
C LEU A 160 36.94 40.93 12.11
N THR A 161 36.22 41.93 12.60
CA THR A 161 34.77 41.97 12.48
C THR A 161 34.36 42.24 11.04
N ALA A 162 34.86 43.32 10.43
CA ALA A 162 34.56 43.56 9.03
C ALA A 162 34.88 42.30 8.19
N LEU A 163 36.07 41.72 8.41
CA LEU A 163 36.48 40.46 7.75
C LEU A 163 35.59 39.26 8.06
N ARG A 164 35.16 39.15 9.31
CA ARG A 164 34.28 38.06 9.71
C ARG A 164 32.89 38.27 9.13
N LEU A 165 32.44 39.52 9.14
CA LEU A 165 31.12 39.86 8.61
C LEU A 165 31.09 39.54 7.13
N LEU A 166 32.21 39.80 6.47
CA LEU A 166 32.32 39.59 5.02
C LEU A 166 32.31 38.14 4.53
N VAL A 167 32.85 37.20 5.30
CA VAL A 167 32.92 35.83 4.80
C VAL A 167 31.55 35.24 4.94
N GLN A 168 30.94 35.52 6.08
CA GLN A 168 29.58 35.11 6.34
C GLN A 168 28.62 35.57 5.26
N LEU A 169 28.72 36.83 4.84
CA LEU A 169 27.92 37.31 3.72
C LEU A 169 28.26 36.50 2.46
N TRP A 170 29.54 36.34 2.18
CA TRP A 170 30.02 35.63 1.00
C TRP A 170 29.49 34.20 0.91
N PHE A 171 29.40 33.51 2.04
CA PHE A 171 28.65 32.26 2.11
C PHE A 171 27.22 32.42 1.63
N GLY A 172 26.50 33.35 2.25
CA GLY A 172 25.16 33.69 1.79
C GLY A 172 25.19 33.79 0.29
N VAL A 173 25.97 34.75 -0.22
CA VAL A 173 26.02 34.91 -1.63
C VAL A 173 26.28 33.59 -2.36
N ILE A 174 27.26 32.81 -1.92
CA ILE A 174 27.58 31.60 -2.66
C ILE A 174 26.36 30.67 -2.70
N GLN A 175 25.73 30.44 -1.54
CA GLN A 175 24.48 29.65 -1.42
C GLN A 175 23.37 30.23 -2.34
N SER A 176 23.06 31.51 -2.18
CA SER A 176 22.14 32.24 -3.05
C SER A 176 22.48 32.06 -4.52
N CYS A 177 23.77 31.83 -4.80
CA CYS A 177 24.18 31.55 -6.18
C CYS A 177 23.86 30.11 -6.56
N LEU A 178 24.24 29.18 -5.70
CA LEU A 178 23.98 27.75 -5.90
C LEU A 178 22.48 27.37 -6.10
N ASN A 179 21.58 28.34 -5.94
CA ASN A 179 20.14 28.11 -5.99
C ASN A 179 19.40 29.26 -6.68
N GLY A 180 19.79 29.53 -7.93
CA GLY A 180 19.10 30.46 -8.85
C GLY A 180 18.74 31.88 -8.45
N ARG A 181 19.01 32.24 -7.19
CA ARG A 181 18.65 33.53 -6.61
C ARG A 181 19.44 34.58 -7.37
N VAL A 182 20.74 34.59 -7.08
CA VAL A 182 21.68 35.35 -7.89
C VAL A 182 22.33 34.43 -8.93
N SER A 183 22.62 35.00 -10.10
CA SER A 183 23.47 34.38 -11.11
C SER A 183 24.91 34.72 -10.75
N ILE A 184 25.86 34.39 -11.64
CA ILE A 184 27.26 34.65 -11.33
C ILE A 184 27.63 36.13 -11.37
N PRO A 185 27.24 36.87 -12.45
CA PRO A 185 27.44 38.32 -12.51
C PRO A 185 26.57 39.10 -11.51
N ASP A 186 25.43 38.55 -11.11
CA ASP A 186 24.71 39.08 -9.96
C ASP A 186 25.48 38.87 -8.67
N ALA A 187 25.91 37.63 -8.43
CA ALA A 187 26.61 37.32 -7.19
C ALA A 187 27.80 38.26 -7.07
N GLU A 188 28.64 38.28 -8.10
CA GLU A 188 29.80 39.14 -8.17
C GLU A 188 29.50 40.62 -7.91
N SER A 189 28.38 41.11 -8.45
CA SER A 189 27.85 42.45 -8.11
C SER A 189 27.76 42.68 -6.59
N ASP A 190 27.26 41.68 -5.86
CA ASP A 190 26.96 41.82 -4.43
C ASP A 190 28.18 41.72 -3.54
N ILE A 191 29.17 40.91 -3.95
CA ILE A 191 30.36 40.77 -3.14
C ILE A 191 31.19 42.05 -3.30
N ARG A 192 31.12 42.65 -4.48
CA ARG A 192 31.78 43.94 -4.73
C ARG A 192 31.23 44.97 -3.70
N ARG A 193 29.91 45.17 -3.69
CA ARG A 193 29.28 46.11 -2.74
C ARG A 193 29.68 45.72 -1.34
N ALA A 194 29.32 44.50 -0.96
CA ALA A 194 29.65 43.94 0.35
C ALA A 194 31.06 44.32 0.80
N CYS A 195 32.04 44.08 -0.08
CA CYS A 195 33.43 44.43 0.18
C CYS A 195 33.56 45.90 0.47
N ASP A 196 33.22 46.73 -0.51
CA ASP A 196 33.29 48.17 -0.36
C ASP A 196 32.55 48.70 0.87
N LEU A 197 31.35 48.17 1.13
CA LEU A 197 30.54 48.69 2.21
C LEU A 197 31.05 48.22 3.56
N LEU A 198 31.35 46.93 3.68
CA LEU A 198 31.84 46.36 4.94
C LEU A 198 33.26 46.81 5.29
N LEU A 199 34.05 47.13 4.27
CA LEU A 199 35.47 47.43 4.50
C LEU A 199 35.88 48.89 4.26
N VAL A 200 34.94 49.83 4.33
CA VAL A 200 35.27 51.24 4.11
C VAL A 200 36.51 51.67 4.90
N ASN A 201 36.66 51.15 6.12
CA ASN A 201 37.80 51.54 6.95
C ASN A 201 38.61 50.41 7.56
N LEU A 202 38.99 49.48 6.69
CA LEU A 202 40.04 48.51 6.95
C LEU A 202 41.44 49.16 6.78
N SER A 203 42.36 48.81 7.68
CA SER A 203 43.70 49.43 7.73
C SER A 203 44.77 48.65 6.96
N GLU B 18 -13.86 30.69 1.12
CA GLU B 18 -12.54 30.48 1.77
C GLU B 18 -12.60 29.51 2.97
N GLU B 19 -12.55 28.22 2.67
CA GLU B 19 -12.32 27.18 3.68
C GLU B 19 -10.89 26.68 3.56
N GLN B 20 -10.31 26.93 2.39
CA GLN B 20 -8.90 26.63 2.09
C GLN B 20 -7.96 27.43 2.97
N ARG B 21 -8.53 28.12 3.95
CA ARG B 21 -7.80 29.00 4.86
C ARG B 21 -7.60 28.37 6.25
N ALA B 22 -8.66 27.75 6.78
CA ALA B 22 -8.62 27.02 8.05
C ALA B 22 -7.96 25.67 7.83
N ARG B 23 -8.23 25.07 6.66
CA ARG B 23 -7.51 23.91 6.17
C ARG B 23 -6.02 24.27 6.06
N HIS B 24 -5.74 25.39 5.39
CA HIS B 24 -4.38 25.87 5.24
C HIS B 24 -3.69 26.09 6.58
N VAL B 25 -4.41 26.70 7.52
CA VAL B 25 -3.85 26.99 8.85
C VAL B 25 -3.39 25.74 9.62
N ARG B 26 -4.26 24.72 9.73
CA ARG B 26 -3.93 23.48 10.48
C ARG B 26 -2.72 22.73 9.92
N MSE B 27 -2.53 22.85 8.61
CA MSE B 27 -1.40 22.24 7.91
C MSE B 27 -0.13 22.86 8.42
O MSE B 27 0.72 22.14 8.92
CB MSE B 27 -1.55 22.38 6.40
CG MSE B 27 -2.74 21.55 5.87
SE MSE B 27 -2.78 21.20 3.94
CE MSE B 27 -4.15 22.54 3.43
N LEU B 28 -0.05 24.19 8.34
CA LEU B 28 1.05 25.00 8.92
C LEU B 28 1.26 24.77 10.42
N GLU B 29 0.15 24.74 11.16
CA GLU B 29 0.12 24.49 12.59
C GLU B 29 0.92 23.23 12.88
N ALA B 30 0.45 22.12 12.31
CA ALA B 30 0.99 20.79 12.54
C ALA B 30 2.44 20.67 12.13
N ALA B 31 2.79 21.34 11.03
CA ALA B 31 4.15 21.34 10.53
C ALA B 31 5.03 21.92 11.63
N ILE B 32 4.60 23.06 12.17
CA ILE B 32 5.29 23.75 13.27
C ILE B 32 5.56 22.88 14.52
N GLU B 33 4.54 22.17 15.01
CA GLU B 33 4.70 21.21 16.12
C GLU B 33 5.66 20.07 15.83
N LEU B 34 5.62 19.54 14.62
CA LEU B 34 6.52 18.44 14.32
C LEU B 34 7.98 18.89 14.22
N ALA B 35 8.19 20.05 13.59
CA ALA B 35 9.53 20.58 13.49
C ALA B 35 9.96 21.04 14.86
N THR B 36 8.99 21.33 15.75
CA THR B 36 9.32 21.70 17.13
C THR B 36 9.75 20.47 17.95
N GLU B 37 9.24 19.30 17.60
CA GLU B 37 9.53 18.10 18.37
C GLU B 37 10.69 17.26 17.82
N LYS B 38 11.03 17.40 16.55
CA LYS B 38 12.08 16.56 15.98
C LYS B 38 12.71 17.42 14.94
N GLU B 39 14.01 17.20 14.72
CA GLU B 39 14.72 17.69 13.54
C GLU B 39 13.97 17.44 12.19
N LEU B 40 14.42 18.14 11.13
CA LEU B 40 13.73 18.16 9.83
C LEU B 40 13.71 16.74 9.24
N ALA B 41 14.85 16.07 9.25
CA ALA B 41 15.00 14.71 8.71
C ALA B 41 13.98 13.71 9.27
N ARG B 42 13.50 13.99 10.47
CA ARG B 42 12.54 13.15 11.13
C ARG B 42 11.11 13.67 11.00
N VAL B 43 10.89 14.66 10.13
CA VAL B 43 9.54 15.20 9.93
C VAL B 43 8.95 14.67 8.64
N GLN B 44 7.87 13.90 8.74
CA GLN B 44 7.36 13.26 7.56
C GLN B 44 6.00 13.74 7.15
N MSE B 45 5.83 13.84 5.85
CA MSE B 45 4.64 14.41 5.28
C MSE B 45 3.38 13.70 5.76
O MSE B 45 2.35 14.34 6.00
CB MSE B 45 4.75 14.40 3.76
CG MSE B 45 5.86 15.31 3.27
SE MSE B 45 5.46 17.21 3.63
CE MSE B 45 4.30 17.57 2.09
N HIS B 46 3.48 12.39 5.95
CA HIS B 46 2.31 11.60 6.38
C HIS B 46 1.88 11.89 7.84
N GLU B 47 2.84 12.28 8.70
CA GLU B 47 2.51 12.73 10.05
C GLU B 47 1.88 14.16 10.07
N VAL B 48 2.45 15.12 9.32
CA VAL B 48 1.79 16.42 9.07
C VAL B 48 0.34 16.20 8.56
N ALA B 49 0.15 15.25 7.65
CA ALA B 49 -1.20 14.99 7.14
C ALA B 49 -2.11 14.48 8.25
N LYS B 50 -1.60 13.53 9.04
CA LYS B 50 -2.29 13.02 10.23
C LYS B 50 -2.55 14.09 11.33
N ARG B 51 -1.66 15.08 11.48
CA ARG B 51 -1.91 16.13 12.46
C ARG B 51 -2.93 17.13 11.96
N ALA B 52 -2.66 17.72 10.80
CA ALA B 52 -3.56 18.69 10.19
C ALA B 52 -4.94 18.09 9.90
N GLY B 53 -5.08 16.80 10.18
CA GLY B 53 -6.32 16.06 9.96
C GLY B 53 -6.79 16.12 8.52
N VAL B 54 -5.88 15.85 7.60
CA VAL B 54 -6.14 15.93 6.15
C VAL B 54 -5.60 14.70 5.42
N ALA B 55 -6.04 14.49 4.17
CA ALA B 55 -5.50 13.45 3.30
C ALA B 55 -4.09 13.83 2.83
N ILE B 56 -3.21 12.82 2.71
CA ILE B 56 -1.82 13.03 2.25
C ILE B 56 -1.79 13.73 0.88
N GLY B 57 -2.74 13.36 0.01
CA GLY B 57 -2.89 13.97 -1.30
C GLY B 57 -3.36 15.41 -1.25
N THR B 58 -4.10 15.73 -0.18
CA THR B 58 -4.59 17.09 0.05
C THR B 58 -3.37 17.95 0.42
N LEU B 59 -2.56 17.42 1.32
CA LEU B 59 -1.34 18.07 1.75
C LEU B 59 -0.34 18.25 0.61
N TYR B 60 -0.25 17.24 -0.27
CA TYR B 60 0.77 17.26 -1.31
C TYR B 60 0.36 18.27 -2.38
N ARG B 61 -0.93 18.27 -2.66
CA ARG B 61 -1.57 19.29 -3.47
C ARG B 61 -1.17 20.70 -3.01
N TYR B 62 -1.24 20.95 -1.71
CA TYR B 62 -0.93 22.28 -1.24
C TYR B 62 0.54 22.54 -0.98
N PHE B 63 1.33 21.48 -0.75
CA PHE B 63 2.79 21.64 -0.61
C PHE B 63 3.51 20.43 -1.23
N PRO B 64 3.88 20.55 -2.52
CA PRO B 64 4.42 19.41 -3.27
C PRO B 64 5.57 18.65 -2.60
N SER B 65 6.44 19.32 -1.86
CA SER B 65 7.33 18.59 -0.99
C SER B 65 7.49 19.26 0.35
N LYS B 66 8.28 18.62 1.20
CA LYS B 66 8.53 19.12 2.53
C LYS B 66 9.17 20.50 2.51
N THR B 67 10.15 20.72 1.62
CA THR B 67 10.83 22.00 1.54
C THR B 67 9.83 23.10 1.14
N HIS B 68 8.82 22.74 0.35
CA HIS B 68 7.73 23.67 0.04
C HIS B 68 7.00 24.07 1.31
N LEU B 69 6.63 23.07 2.10
CA LEU B 69 5.86 23.29 3.30
C LEU B 69 6.60 24.21 4.26
N PHE B 70 7.86 23.88 4.58
CA PHE B 70 8.61 24.73 5.49
C PHE B 70 9.01 26.13 5.00
N VAL B 71 8.99 26.33 3.69
CA VAL B 71 9.13 27.65 3.12
C VAL B 71 7.85 28.45 3.39
N ALA B 72 6.70 27.81 3.18
CA ALA B 72 5.41 28.42 3.53
C ALA B 72 5.31 28.66 5.03
N VAL B 73 5.89 27.79 5.87
CA VAL B 73 5.87 27.99 7.32
C VAL B 73 6.66 29.25 7.65
N MSE B 74 7.87 29.36 7.08
CA MSE B 74 8.70 30.56 7.20
C MSE B 74 7.98 31.88 6.80
O MSE B 74 8.02 32.86 7.53
CB MSE B 74 9.96 30.33 6.36
CG MSE B 74 10.82 31.55 6.21
SE MSE B 74 12.26 31.64 7.52
CE MSE B 74 11.23 32.03 9.12
N VAL B 75 7.33 31.88 5.64
CA VAL B 75 6.56 33.03 5.15
C VAL B 75 5.47 33.45 6.13
N ASP B 76 4.72 32.46 6.63
CA ASP B 76 3.73 32.70 7.69
C ASP B 76 4.38 33.28 8.96
N GLN B 77 5.59 32.84 9.28
CA GLN B 77 6.27 33.25 10.51
C GLN B 77 6.94 34.60 10.40
N ILE B 78 7.32 34.95 9.19
CA ILE B 78 7.80 36.26 8.89
C ILE B 78 6.62 37.22 8.88
N ASP B 79 5.49 36.78 8.34
CA ASP B 79 4.28 37.62 8.33
C ASP B 79 3.85 37.90 9.75
N ARG B 80 3.98 36.90 10.63
CA ARG B 80 3.48 36.96 12.00
C ARG B 80 4.31 37.90 12.87
N MSE B 81 5.60 37.97 12.59
CA MSE B 81 6.50 38.75 13.44
C MSE B 81 6.51 40.21 12.99
O MSE B 81 6.79 41.10 13.80
CB MSE B 81 7.92 38.13 13.47
CG MSE B 81 8.87 38.48 12.30
SE MSE B 81 9.83 40.21 12.54
CE MSE B 81 10.41 39.96 14.39
N GLY B 82 6.18 40.42 11.72
CA GLY B 82 5.95 41.75 11.17
C GLY B 82 4.77 42.41 11.86
N VAL B 83 3.69 41.65 12.01
CA VAL B 83 2.50 42.06 12.76
C VAL B 83 2.90 42.48 14.17
N GLY B 84 3.63 41.60 14.86
CA GLY B 84 4.01 41.79 16.27
C GLY B 84 5.03 42.89 16.46
N PHE B 85 5.75 43.22 15.40
CA PHE B 85 6.66 44.36 15.42
C PHE B 85 5.92 45.69 15.25
N LYS B 86 4.97 45.76 14.32
CA LYS B 86 4.08 46.93 14.19
C LYS B 86 3.18 47.13 15.43
N LYS B 87 3.17 46.13 16.30
CA LYS B 87 2.60 46.19 17.65
C LYS B 87 3.72 46.70 18.57
N SER B 88 3.56 46.56 19.89
CA SER B 88 4.59 47.03 20.85
C SER B 88 6.04 46.68 20.44
N ALA B 89 6.73 47.67 19.86
CA ALA B 89 8.06 47.50 19.25
C ALA B 89 9.24 47.79 20.18
N GLU B 93 15.40 54.46 16.61
CA GLU B 93 16.03 55.80 16.69
C GLU B 93 16.69 56.39 15.43
N SER B 94 17.15 55.55 14.52
CA SER B 94 17.48 55.96 13.16
C SER B 94 16.90 54.87 12.23
N PRO B 95 16.85 55.11 10.90
CA PRO B 95 16.50 54.00 10.02
C PRO B 95 17.36 52.74 10.27
N GLN B 96 18.68 52.89 10.30
CA GLN B 96 19.53 51.74 10.52
C GLN B 96 19.27 51.10 11.90
N ASP B 97 18.97 51.93 12.87
CA ASP B 97 18.53 51.47 14.17
C ASP B 97 17.22 50.68 14.16
N ALA B 98 16.21 51.22 13.49
CA ALA B 98 14.93 50.57 13.45
C ALA B 98 15.10 49.18 12.85
N VAL B 99 16.02 49.10 11.88
CA VAL B 99 16.20 47.90 11.11
C VAL B 99 16.96 46.92 11.99
N TYR B 100 17.97 47.42 12.66
CA TYR B 100 18.57 46.67 13.74
C TYR B 100 17.54 46.07 14.69
N ASN B 101 16.54 46.86 15.11
CA ASN B 101 15.57 46.37 16.09
C ASN B 101 14.68 45.23 15.59
N VAL B 102 14.37 45.22 14.29
CA VAL B 102 13.57 44.12 13.75
C VAL B 102 14.41 42.83 13.71
N LEU B 103 15.67 42.99 13.34
CA LEU B 103 16.56 41.87 13.17
C LEU B 103 16.78 41.21 14.53
N VAL B 104 16.98 42.04 15.56
CA VAL B 104 17.13 41.59 16.95
C VAL B 104 15.89 40.83 17.43
N ARG B 105 14.71 41.38 17.16
CA ARG B 105 13.47 40.70 17.41
C ARG B 105 13.34 39.35 16.72
N ALA B 106 13.66 39.27 15.43
CA ALA B 106 13.58 38.01 14.69
C ALA B 106 14.61 36.97 15.20
N THR B 107 15.86 37.41 15.36
CA THR B 107 16.92 36.56 15.85
C THR B 107 16.46 35.93 17.16
N ARG B 108 15.88 36.74 18.03
CA ARG B 108 15.50 36.28 19.33
C ARG B 108 14.40 35.25 19.26
N GLY B 109 13.33 35.55 18.54
CA GLY B 109 12.23 34.60 18.36
C GLY B 109 12.55 33.33 17.60
N LEU B 110 13.49 33.39 16.66
CA LEU B 110 14.04 32.20 16.02
C LEU B 110 14.87 31.34 16.97
N LEU B 111 15.81 31.99 17.66
CA LEU B 111 16.67 31.31 18.62
C LEU B 111 15.91 30.70 19.78
N ARG B 112 14.67 31.12 20.02
CA ARG B 112 13.83 30.55 21.09
C ARG B 112 13.24 29.17 20.76
N ARG B 113 13.14 28.84 19.49
CA ARG B 113 12.78 27.49 19.04
C ARG B 113 13.77 27.09 17.99
N PRO B 114 14.91 26.50 18.44
CA PRO B 114 16.02 26.26 17.55
C PRO B 114 15.60 25.22 16.57
N ALA B 115 14.92 24.20 17.06
CA ALA B 115 14.64 23.05 16.23
C ALA B 115 13.78 23.48 15.02
N LEU B 116 12.66 24.17 15.29
CA LEU B 116 11.81 24.78 14.23
C LEU B 116 12.52 25.74 13.31
N SER B 117 13.27 26.67 13.89
CA SER B 117 14.08 27.60 13.11
C SER B 117 15.08 26.95 12.16
N THR B 118 15.80 25.96 12.66
CA THR B 118 16.66 25.16 11.84
C THR B 118 15.91 24.57 10.67
N ALA B 119 14.75 23.98 10.86
CA ALA B 119 14.02 23.47 9.71
C ALA B 119 13.61 24.56 8.70
N MSE B 120 13.36 25.79 9.16
CA MSE B 120 12.90 26.81 8.23
C MSE B 120 14.07 27.39 7.47
O MSE B 120 13.97 27.61 6.28
CB MSE B 120 12.15 27.92 8.94
CG MSE B 120 10.91 27.47 9.71
SE MSE B 120 9.95 29.00 10.51
CE MSE B 120 11.30 29.62 11.79
N ILE B 121 15.14 27.67 8.19
CA ILE B 121 16.39 28.14 7.63
C ILE B 121 16.96 27.09 6.64
N GLN B 122 17.06 25.82 7.04
CA GLN B 122 17.67 24.87 6.10
C GLN B 122 16.83 24.78 4.88
N SER B 123 15.51 24.77 5.06
CA SER B 123 14.59 24.74 3.94
C SER B 123 14.77 25.88 2.97
N THR B 124 14.96 27.09 3.46
CA THR B 124 15.17 28.30 2.63
C THR B 124 16.55 28.37 1.95
N SER B 125 17.53 27.71 2.56
CA SER B 125 18.84 27.54 1.94
C SER B 125 18.77 26.62 0.74
N THR B 126 18.24 25.42 0.89
CA THR B 126 18.19 24.46 -0.21
C THR B 126 17.11 24.77 -1.28
N ALA B 127 16.23 25.74 -1.07
CA ALA B 127 15.04 25.86 -1.93
C ALA B 127 15.24 26.65 -3.20
N ASN B 128 15.50 25.97 -4.30
CA ASN B 128 15.58 26.67 -5.56
C ASN B 128 14.31 27.46 -5.86
N VAL B 129 14.51 28.69 -6.30
CA VAL B 129 13.43 29.68 -6.41
C VAL B 129 12.54 29.40 -7.63
N ALA B 130 13.14 28.87 -8.69
CA ALA B 130 12.40 28.46 -9.87
C ALA B 130 11.45 27.29 -9.55
N SER B 131 11.89 26.41 -8.65
CA SER B 131 11.12 25.19 -8.31
C SER B 131 10.07 25.39 -7.22
N VAL B 132 10.40 26.18 -6.20
CA VAL B 132 9.45 26.50 -5.14
C VAL B 132 9.30 28.01 -5.09
N PRO B 133 8.19 28.51 -5.67
CA PRO B 133 7.93 29.92 -5.94
C PRO B 133 7.54 30.74 -4.71
N ASP B 134 7.47 30.09 -3.54
CA ASP B 134 7.29 30.79 -2.29
C ASP B 134 8.65 31.22 -1.76
N ALA B 135 9.72 30.69 -2.37
CA ALA B 135 11.07 30.93 -1.86
C ALA B 135 11.41 32.41 -1.98
N GLY B 136 11.06 33.02 -3.12
CA GLY B 136 11.14 34.48 -3.31
C GLY B 136 10.39 35.28 -2.24
N LYS B 137 9.09 35.01 -2.10
CA LYS B 137 8.23 35.63 -1.09
C LYS B 137 8.89 35.97 0.24
N VAL B 138 9.79 35.14 0.75
CA VAL B 138 10.36 35.40 2.07
C VAL B 138 11.30 36.59 2.07
N ASP B 139 12.12 36.70 1.03
CA ASP B 139 12.98 37.85 0.84
C ASP B 139 12.12 39.12 0.79
N ARG B 140 11.03 39.04 0.04
CA ARG B 140 10.10 40.14 -0.15
C ARG B 140 9.41 40.54 1.15
N ALA B 141 8.90 39.54 1.88
CA ALA B 141 8.13 39.81 3.08
C ALA B 141 9.06 40.43 4.07
N PHE B 142 10.28 39.97 4.07
CA PHE B 142 11.27 40.42 5.01
C PHE B 142 11.63 41.86 4.72
N ARG B 143 12.28 42.04 3.58
CA ARG B 143 12.53 43.32 3.03
C ARG B 143 11.44 44.38 3.33
N GLN B 144 10.15 44.03 3.25
CA GLN B 144 9.07 44.99 3.57
C GLN B 144 8.86 45.29 5.05
N ILE B 145 9.28 44.41 5.94
CA ILE B 145 9.15 44.68 7.36
C ILE B 145 10.18 45.71 7.78
N MSE B 146 11.34 45.62 7.14
CA MSE B 146 12.49 46.45 7.44
C MSE B 146 12.30 47.81 6.82
O MSE B 146 12.53 48.85 7.46
CB MSE B 146 13.77 45.80 6.89
CG MSE B 146 14.02 44.38 7.37
SE MSE B 146 15.65 43.63 6.53
CE MSE B 146 16.90 44.06 7.94
N LEU B 147 11.89 47.80 5.56
CA LEU B 147 11.52 49.00 4.87
C LEU B 147 10.51 49.77 5.73
N ASP B 148 9.49 49.08 6.23
CA ASP B 148 8.45 49.71 7.02
C ASP B 148 8.98 50.21 8.35
N ALA B 149 9.78 49.37 9.00
CA ALA B 149 10.35 49.75 10.27
C ALA B 149 11.22 50.98 10.11
N ALA B 150 11.97 51.04 9.01
CA ALA B 150 12.83 52.19 8.72
C ALA B 150 11.97 53.36 8.29
N GLY B 151 10.73 53.06 7.94
CA GLY B 151 9.85 54.06 7.38
C GLY B 151 10.27 54.54 6.01
N ILE B 152 10.92 53.71 5.19
CA ILE B 152 11.16 54.14 3.81
C ILE B 152 10.07 53.63 2.86
N GLU B 153 9.47 54.58 2.15
CA GLU B 153 8.34 54.30 1.31
C GLU B 153 8.78 54.17 -0.15
N HIS B 154 9.91 54.78 -0.47
CA HIS B 154 10.46 54.80 -1.82
C HIS B 154 11.92 54.39 -1.82
N PRO B 155 12.18 53.09 -1.79
CA PRO B 155 13.51 52.52 -1.86
C PRO B 155 14.25 52.89 -3.13
N THR B 156 15.45 53.43 -2.98
CA THR B 156 16.37 53.52 -4.11
C THR B 156 16.91 52.11 -4.29
N GLU B 157 17.41 51.78 -5.47
CA GLU B 157 17.98 50.44 -5.68
C GLU B 157 19.19 50.15 -4.77
N GLU B 158 19.96 51.18 -4.49
CA GLU B 158 21.08 51.11 -3.55
C GLU B 158 20.63 50.60 -2.17
N ASP B 159 19.52 51.18 -1.66
CA ASP B 159 18.78 50.73 -0.48
C ASP B 159 18.37 49.26 -0.55
N LEU B 160 17.74 48.86 -1.65
CA LEU B 160 17.26 47.49 -1.82
C LEU B 160 18.44 46.52 -1.76
N THR B 161 19.48 46.89 -2.49
CA THR B 161 20.74 46.16 -2.54
C THR B 161 21.28 45.99 -1.13
N ALA B 162 21.48 47.11 -0.43
CA ALA B 162 21.97 47.09 0.97
C ALA B 162 21.19 46.12 1.85
N LEU B 163 19.87 46.19 1.77
CA LEU B 163 19.01 45.29 2.55
C LEU B 163 19.04 43.86 2.07
N ARG B 164 19.44 43.61 0.83
CA ARG B 164 19.50 42.23 0.34
C ARG B 164 20.78 41.66 0.91
N LEU B 165 21.86 42.44 0.85
CA LEU B 165 23.11 42.10 1.56
C LEU B 165 22.93 41.86 3.08
N LEU B 166 22.10 42.66 3.75
CA LEU B 166 21.87 42.47 5.18
C LEU B 166 21.17 41.13 5.45
N VAL B 167 19.96 40.89 4.91
CA VAL B 167 19.27 39.63 5.27
C VAL B 167 20.11 38.42 4.90
N GLN B 168 20.99 38.62 3.93
CA GLN B 168 21.90 37.55 3.50
C GLN B 168 22.91 37.25 4.58
N LEU B 169 23.77 38.23 4.87
CA LEU B 169 24.61 38.23 6.06
C LEU B 169 23.87 37.78 7.34
N TRP B 170 22.59 38.11 7.45
CA TRP B 170 21.87 37.84 8.67
C TRP B 170 21.58 36.36 8.78
N PHE B 171 20.98 35.80 7.73
CA PHE B 171 20.76 34.35 7.63
C PHE B 171 21.99 33.57 8.00
N GLY B 172 23.16 34.05 7.58
CA GLY B 172 24.40 33.36 7.90
C GLY B 172 24.67 33.36 9.39
N VAL B 173 24.44 34.51 10.04
CA VAL B 173 24.75 34.67 11.45
C VAL B 173 23.86 33.74 12.26
N ILE B 174 22.57 33.66 11.90
CA ILE B 174 21.64 32.79 12.61
C ILE B 174 22.07 31.33 12.46
N GLN B 175 22.33 30.92 11.22
CA GLN B 175 22.66 29.55 10.90
C GLN B 175 23.83 29.17 11.81
N SER B 176 24.78 30.09 11.83
CA SER B 176 25.99 30.00 12.61
C SER B 176 25.75 29.85 14.12
N CYS B 177 24.83 30.68 14.61
CA CYS B 177 24.31 30.63 15.95
C CYS B 177 23.61 29.32 16.32
N LEU B 178 22.72 28.84 15.47
CA LEU B 178 22.10 27.54 15.68
C LEU B 178 23.15 26.43 15.76
N ASN B 179 24.20 26.51 14.95
CA ASN B 179 25.24 25.50 14.97
C ASN B 179 26.24 25.58 16.10
N GLY B 180 26.28 26.72 16.78
CA GLY B 180 27.00 26.85 18.06
C GLY B 180 28.38 27.44 17.85
N ARG B 181 28.57 28.07 16.69
CA ARG B 181 29.78 28.74 16.26
C ARG B 181 29.93 30.13 16.83
N VAL B 182 28.83 30.84 17.00
CA VAL B 182 28.87 32.13 17.66
C VAL B 182 27.92 32.09 18.86
N SER B 183 28.23 32.81 19.92
CA SER B 183 27.29 32.94 21.04
C SER B 183 26.18 33.91 20.64
N ILE B 184 25.14 34.04 21.46
CA ILE B 184 24.04 34.87 20.98
C ILE B 184 24.31 36.37 21.10
N PRO B 185 24.93 36.81 22.21
CA PRO B 185 25.30 38.23 22.29
C PRO B 185 26.28 38.66 21.18
N ASP B 186 27.30 37.86 20.92
CA ASP B 186 28.09 38.11 19.72
C ASP B 186 27.28 38.04 18.38
N ALA B 187 26.30 37.15 18.23
CA ALA B 187 25.47 37.19 17.01
C ALA B 187 24.83 38.56 16.91
N GLU B 188 24.13 38.94 17.98
CA GLU B 188 23.51 40.28 18.09
C GLU B 188 24.50 41.43 17.80
N SER B 189 25.66 41.40 18.42
CA SER B 189 26.70 42.40 18.18
C SER B 189 27.14 42.45 16.69
N ASP B 190 27.23 41.30 16.05
CA ASP B 190 27.53 41.25 14.63
C ASP B 190 26.42 41.73 13.72
N ILE B 191 25.16 41.46 14.08
CA ILE B 191 24.08 42.08 13.36
C ILE B 191 24.11 43.61 13.53
N ARG B 192 24.60 44.13 14.66
CA ARG B 192 24.62 45.58 14.80
C ARG B 192 25.66 46.25 13.91
N ARG B 193 26.89 45.73 13.97
CA ARG B 193 28.00 46.25 13.18
C ARG B 193 27.67 46.21 11.68
N ALA B 194 27.06 45.10 11.24
CA ALA B 194 26.58 44.95 9.88
C ALA B 194 25.57 46.01 9.50
N CYS B 195 24.52 46.20 10.30
CA CYS B 195 23.62 47.33 10.07
C CYS B 195 24.32 48.67 9.83
N ASP B 196 25.33 48.96 10.65
CA ASP B 196 26.02 50.24 10.61
C ASP B 196 26.85 50.33 9.36
N LEU B 197 27.49 49.21 9.03
CA LEU B 197 28.32 49.17 7.86
C LEU B 197 27.46 49.19 6.60
N LEU B 198 26.53 48.23 6.50
CA LEU B 198 25.76 48.03 5.28
C LEU B 198 24.79 49.14 4.95
N LEU B 199 24.22 49.76 5.99
CA LEU B 199 23.13 50.74 5.77
C LEU B 199 23.48 52.22 5.92
N VAL B 200 24.76 52.57 5.74
CA VAL B 200 25.19 53.99 5.78
C VAL B 200 24.29 54.91 4.99
N ASN B 201 23.88 54.49 3.79
CA ASN B 201 23.21 55.39 2.83
C ASN B 201 21.67 55.31 2.80
N LEU B 202 21.09 54.79 3.87
CA LEU B 202 19.65 54.60 3.98
C LEU B 202 18.84 55.91 4.22
N SER B 203 18.29 56.46 3.13
CA SER B 203 17.60 57.78 3.15
C SER B 203 16.20 57.77 3.77
N ARG C 21 19.40 -15.68 13.59
CA ARG C 21 20.66 -15.28 14.27
C ARG C 21 20.40 -13.98 15.07
N ALA C 22 20.98 -13.87 16.27
CA ALA C 22 20.64 -12.79 17.23
C ALA C 22 21.11 -11.40 16.83
N ARG C 23 22.40 -11.25 16.57
CA ARG C 23 22.88 -9.93 16.17
C ARG C 23 22.46 -9.60 14.74
N HIS C 24 21.96 -10.61 14.02
CA HIS C 24 21.51 -10.38 12.68
C HIS C 24 20.14 -9.72 12.76
N VAL C 25 19.34 -10.24 13.69
CA VAL C 25 18.04 -9.68 14.05
C VAL C 25 18.24 -8.23 14.50
N ARG C 26 19.17 -8.00 15.40
CA ARG C 26 19.46 -6.65 15.88
C ARG C 26 19.68 -5.64 14.75
N MSE C 27 20.47 -6.02 13.74
CA MSE C 27 20.81 -5.14 12.61
C MSE C 27 19.66 -4.75 11.74
O MSE C 27 19.57 -3.61 11.29
CB MSE C 27 21.92 -5.74 11.74
CG MSE C 27 23.22 -5.78 12.45
SE MSE C 27 24.61 -6.54 11.40
CE MSE C 27 25.43 -5.00 10.72
N LEU C 28 18.79 -5.73 11.48
CA LEU C 28 17.55 -5.57 10.74
C LEU C 28 16.52 -4.75 11.54
N GLU C 29 16.40 -5.03 12.85
CA GLU C 29 15.52 -4.27 13.74
C GLU C 29 15.92 -2.80 13.77
N ALA C 30 17.22 -2.53 13.82
CA ALA C 30 17.70 -1.16 13.75
C ALA C 30 17.27 -0.47 12.44
N ALA C 31 17.45 -1.17 11.32
CA ALA C 31 17.12 -0.65 10.01
C ALA C 31 15.64 -0.25 9.86
N ILE C 32 14.73 -1.19 10.13
CA ILE C 32 13.29 -0.91 10.24
C ILE C 32 12.98 0.36 11.10
N GLU C 33 13.61 0.42 12.25
CA GLU C 33 13.27 1.45 13.24
C GLU C 33 13.57 2.84 12.67
N LEU C 34 14.77 2.92 12.13
CA LEU C 34 15.34 4.10 11.57
C LEU C 34 14.70 4.45 10.26
N ALA C 35 14.22 3.43 9.56
CA ALA C 35 13.53 3.69 8.31
C ALA C 35 12.13 4.17 8.59
N THR C 36 11.62 3.99 9.81
CA THR C 36 10.31 4.51 10.25
C THR C 36 10.38 5.96 10.70
N GLU C 37 11.52 6.32 11.28
CA GLU C 37 11.78 7.64 11.80
C GLU C 37 12.15 8.67 10.73
N LYS C 38 13.06 8.31 9.85
CA LYS C 38 13.61 9.15 8.79
C LYS C 38 13.31 8.48 7.43
N GLU C 39 13.41 9.25 6.36
CA GLU C 39 13.18 8.67 5.03
C GLU C 39 14.48 8.02 4.56
N LEU C 40 14.37 6.99 3.74
CA LEU C 40 15.52 6.27 3.15
C LEU C 40 16.75 7.11 2.89
N ALA C 41 16.59 8.32 2.35
CA ALA C 41 17.72 9.10 1.92
C ALA C 41 18.51 9.55 3.13
N ARG C 42 17.80 9.79 4.24
CA ARG C 42 18.46 10.23 5.47
C ARG C 42 18.88 9.09 6.42
N VAL C 43 18.51 7.84 6.13
CA VAL C 43 18.98 6.80 7.00
C VAL C 43 20.51 6.68 6.82
N GLN C 44 21.26 6.57 7.91
CA GLN C 44 22.75 6.61 7.81
C GLN C 44 23.25 5.32 8.40
N MSE C 45 24.13 4.67 7.64
CA MSE C 45 24.67 3.37 8.04
C MSE C 45 25.34 3.44 9.43
O MSE C 45 25.25 2.48 10.19
CB MSE C 45 25.61 2.81 6.94
CG MSE C 45 24.87 2.48 5.59
SE MSE C 45 23.77 0.84 5.81
CE MSE C 45 25.19 -0.49 5.52
N HIS C 46 25.94 4.57 9.78
CA HIS C 46 26.63 4.64 11.06
C HIS C 46 25.65 4.60 12.21
N GLU C 47 24.47 5.12 11.99
CA GLU C 47 23.43 5.07 12.99
C GLU C 47 22.73 3.69 13.10
N VAL C 48 22.58 2.97 11.99
CA VAL C 48 22.06 1.63 12.03
C VAL C 48 22.94 0.75 12.87
N ALA C 49 24.26 0.87 12.70
CA ALA C 49 25.27 0.12 13.47
C ALA C 49 25.24 0.50 14.94
N LYS C 50 25.42 1.78 15.23
CA LYS C 50 25.29 2.24 16.60
C LYS C 50 23.97 1.75 17.26
N ARG C 51 22.85 1.96 16.61
CA ARG C 51 21.55 1.50 17.16
C ARG C 51 21.49 -0.03 17.30
N ALA C 52 22.16 -0.75 16.41
CA ALA C 52 22.12 -2.20 16.48
C ALA C 52 23.19 -2.71 17.45
N GLY C 53 24.09 -1.81 17.82
CA GLY C 53 25.22 -2.15 18.67
C GLY C 53 26.18 -3.12 18.00
N VAL C 54 26.76 -2.72 16.87
CA VAL C 54 27.79 -3.51 16.21
C VAL C 54 28.85 -2.59 15.62
N ALA C 55 30.03 -3.16 15.40
CA ALA C 55 31.11 -2.41 14.81
C ALA C 55 30.62 -2.05 13.42
N ILE C 56 30.86 -0.83 13.00
CA ILE C 56 30.48 -0.48 11.65
C ILE C 56 31.12 -1.39 10.60
N GLY C 57 32.33 -1.88 10.88
CA GLY C 57 32.97 -2.86 10.01
C GLY C 57 32.01 -4.04 9.92
N THR C 58 31.45 -4.48 11.06
CA THR C 58 30.57 -5.62 11.08
C THR C 58 29.29 -5.36 10.25
N LEU C 59 28.64 -4.21 10.43
CA LEU C 59 27.49 -3.86 9.60
C LEU C 59 27.82 -4.01 8.13
N TYR C 60 28.91 -3.37 7.68
CA TYR C 60 29.16 -3.39 6.24
C TYR C 60 29.54 -4.75 5.66
N ARG C 61 30.02 -5.64 6.54
CA ARG C 61 30.29 -7.00 6.15
C ARG C 61 28.97 -7.75 5.87
N TYR C 62 27.97 -7.65 6.73
CA TYR C 62 26.69 -8.27 6.42
C TYR C 62 25.89 -7.63 5.29
N PHE C 63 25.95 -6.28 5.19
CA PHE C 63 25.17 -5.42 4.30
C PHE C 63 26.01 -4.30 3.67
N PRO C 64 26.65 -4.57 2.51
CA PRO C 64 27.65 -3.64 1.96
C PRO C 64 27.15 -2.26 1.56
N SER C 65 25.82 -2.06 1.61
CA SER C 65 25.24 -0.72 1.49
C SER C 65 23.80 -0.69 1.98
N LYS C 66 23.18 0.48 1.93
CA LYS C 66 21.79 0.67 2.34
C LYS C 66 20.81 -0.15 1.48
N THR C 67 20.96 -0.11 0.17
CA THR C 67 20.18 -1.01 -0.65
C THR C 67 20.26 -2.46 -0.19
N HIS C 68 21.47 -2.99 0.07
CA HIS C 68 21.64 -4.37 0.58
C HIS C 68 20.83 -4.58 1.86
N LEU C 69 20.80 -3.57 2.71
CA LEU C 69 20.07 -3.64 3.97
C LEU C 69 18.60 -3.68 3.74
N PHE C 70 18.07 -2.75 2.94
CA PHE C 70 16.60 -2.66 2.88
C PHE C 70 15.94 -3.78 2.07
N VAL C 71 16.68 -4.29 1.12
CA VAL C 71 16.36 -5.52 0.45
C VAL C 71 16.32 -6.70 1.45
N ALA C 72 17.33 -6.82 2.30
CA ALA C 72 17.30 -7.90 3.26
C ALA C 72 16.09 -7.74 4.22
N VAL C 73 15.71 -6.48 4.53
CA VAL C 73 14.53 -6.25 5.36
C VAL C 73 13.26 -6.70 4.62
N MSE C 74 13.12 -6.28 3.36
CA MSE C 74 12.14 -6.86 2.49
C MSE C 74 12.02 -8.40 2.60
O MSE C 74 10.90 -8.94 2.74
CB MSE C 74 12.46 -6.48 1.06
CG MSE C 74 11.42 -6.96 0.10
SE MSE C 74 9.84 -5.82 0.09
CE MSE C 74 8.76 -6.84 1.34
N VAL C 75 13.15 -9.12 2.58
CA VAL C 75 13.11 -10.57 2.57
C VAL C 75 12.60 -11.06 3.92
N ASP C 76 12.89 -10.32 4.97
CA ASP C 76 12.58 -10.73 6.27
C ASP C 76 11.07 -10.52 6.45
N GLN C 77 10.54 -9.44 5.86
CA GLN C 77 9.12 -9.11 5.92
C GLN C 77 8.30 -10.16 5.18
N ILE C 78 8.70 -10.46 3.95
CA ILE C 78 8.11 -11.53 3.14
C ILE C 78 8.10 -12.79 3.95
N ASP C 79 9.23 -13.19 4.54
CA ASP C 79 9.23 -14.36 5.44
C ASP C 79 8.15 -14.28 6.54
N ARG C 80 7.92 -13.13 7.13
CA ARG C 80 7.01 -13.07 8.25
C ARG C 80 5.58 -13.24 7.82
N MSE C 81 5.33 -12.95 6.54
CA MSE C 81 4.02 -13.11 5.99
C MSE C 81 3.50 -14.55 6.00
O MSE C 81 2.29 -14.74 5.82
CB MSE C 81 4.04 -12.57 4.57
CG MSE C 81 4.13 -11.09 4.53
SE MSE C 81 4.38 -10.58 2.68
CE MSE C 81 5.15 -8.78 2.86
N GLY C 82 4.38 -15.52 6.25
CA GLY C 82 4.11 -16.92 6.02
C GLY C 82 4.29 -17.75 7.27
N VAL C 83 4.67 -17.09 8.35
CA VAL C 83 4.81 -17.77 9.62
C VAL C 83 3.52 -18.53 9.96
N GLY C 84 3.62 -19.72 10.54
CA GLY C 84 2.43 -20.51 10.89
C GLY C 84 1.70 -21.30 9.82
N PHE C 85 2.12 -21.18 8.57
CA PHE C 85 1.54 -22.03 7.58
C PHE C 85 2.15 -23.43 7.62
N LYS C 86 1.26 -24.44 7.63
CA LYS C 86 1.62 -25.84 7.34
C LYS C 86 2.56 -25.96 6.12
N LYS C 87 3.64 -26.73 6.28
CA LYS C 87 4.59 -26.92 5.18
C LYS C 87 4.22 -28.07 4.22
N SER C 88 3.36 -29.00 4.67
CA SER C 88 2.79 -29.96 3.71
C SER C 88 1.28 -30.25 3.89
N ALA C 89 0.45 -29.21 3.75
CA ALA C 89 -1.00 -29.31 3.92
C ALA C 89 -1.66 -30.34 2.99
N ASP C 97 -7.78 -18.21 -1.85
CA ASP C 97 -8.27 -17.64 -0.62
C ASP C 97 -7.22 -17.23 0.37
N ALA C 98 -6.48 -18.17 0.95
CA ALA C 98 -5.44 -17.75 1.88
C ALA C 98 -4.47 -16.78 1.25
N VAL C 99 -4.24 -16.91 -0.08
CA VAL C 99 -3.31 -16.06 -0.79
C VAL C 99 -3.89 -14.67 -0.73
N TYR C 100 -5.17 -14.52 -1.06
CA TYR C 100 -5.75 -13.19 -1.07
C TYR C 100 -5.67 -12.59 0.36
N ASN C 101 -6.11 -13.34 1.38
CA ASN C 101 -5.84 -12.94 2.76
C ASN C 101 -4.37 -12.51 3.08
N VAL C 102 -3.34 -13.22 2.64
CA VAL C 102 -2.00 -12.82 3.03
C VAL C 102 -1.62 -11.50 2.36
N LEU C 103 -1.89 -11.38 1.08
CA LEU C 103 -1.55 -10.19 0.38
C LEU C 103 -2.33 -8.98 0.90
N VAL C 104 -3.59 -9.17 1.28
CA VAL C 104 -4.36 -8.07 1.75
C VAL C 104 -3.84 -7.51 3.09
N ARG C 105 -3.62 -8.41 4.07
CA ARG C 105 -3.06 -8.02 5.33
C ARG C 105 -1.69 -7.35 5.10
N ALA C 106 -0.92 -7.81 4.12
CA ALA C 106 0.39 -7.25 3.86
C ALA C 106 0.24 -5.81 3.41
N THR C 107 -0.70 -5.64 2.48
CA THR C 107 -0.97 -4.38 1.88
C THR C 107 -1.33 -3.34 2.93
N ARG C 108 -2.20 -3.73 3.84
CA ARG C 108 -2.72 -2.85 4.85
C ARG C 108 -1.68 -2.46 5.87
N GLY C 109 -0.80 -3.39 6.24
CA GLY C 109 0.23 -3.06 7.21
C GLY C 109 1.40 -2.30 6.59
N LEU C 110 1.66 -2.51 5.31
CA LEU C 110 2.77 -1.82 4.67
C LEU C 110 2.46 -0.34 4.48
N LEU C 111 1.23 -0.07 4.06
CA LEU C 111 0.77 1.27 3.82
C LEU C 111 0.62 2.09 5.08
N ARG C 112 0.56 1.43 6.23
CA ARG C 112 0.43 2.22 7.46
C ARG C 112 1.78 2.63 7.95
N ARG C 113 2.80 2.06 7.34
CA ARG C 113 4.15 2.41 7.64
C ARG C 113 4.76 2.93 6.35
N PRO C 114 4.29 4.09 5.88
CA PRO C 114 4.75 4.55 4.56
C PRO C 114 6.30 4.73 4.46
N ALA C 115 6.95 5.41 5.40
CA ALA C 115 8.43 5.52 5.30
C ALA C 115 9.13 4.15 5.21
N LEU C 116 8.70 3.21 6.02
CA LEU C 116 9.41 1.90 6.07
C LEU C 116 9.21 1.13 4.76
N SER C 117 7.97 1.11 4.28
CA SER C 117 7.59 0.46 3.07
C SER C 117 8.30 1.05 1.89
N THR C 118 8.43 2.36 1.88
CA THR C 118 9.16 2.96 0.82
C THR C 118 10.62 2.55 0.86
N ALA C 119 11.22 2.50 2.03
CA ALA C 119 12.62 2.10 2.02
C ALA C 119 12.78 0.67 1.44
N MSE C 120 11.88 -0.26 1.80
CA MSE C 120 12.01 -1.66 1.34
C MSE C 120 11.71 -1.74 -0.13
O MSE C 120 12.47 -2.36 -0.90
CB MSE C 120 11.03 -2.60 2.04
CG MSE C 120 11.26 -2.85 3.49
SE MSE C 120 9.63 -3.78 4.09
CE MSE C 120 9.97 -3.73 6.00
N ILE C 121 10.59 -1.14 -0.53
CA ILE C 121 10.17 -1.22 -1.89
C ILE C 121 11.13 -0.53 -2.85
N GLN C 122 11.54 0.72 -2.58
CA GLN C 122 12.48 1.45 -3.49
C GLN C 122 13.77 0.73 -3.58
N SER C 123 14.27 0.27 -2.44
CA SER C 123 15.47 -0.49 -2.41
C SER C 123 15.36 -1.73 -3.25
N THR C 124 14.20 -2.40 -3.18
CA THR C 124 14.02 -3.66 -3.87
C THR C 124 13.82 -3.44 -5.36
N SER C 125 13.04 -2.46 -5.74
CA SER C 125 12.79 -2.30 -7.15
C SER C 125 14.00 -1.69 -7.90
N THR C 126 14.98 -1.10 -7.19
CA THR C 126 16.11 -0.50 -7.90
C THR C 126 17.34 -1.41 -7.83
N ALA C 127 17.21 -2.60 -7.24
CA ALA C 127 18.35 -3.46 -6.93
C ALA C 127 18.65 -4.43 -8.04
N ASN C 128 19.79 -4.24 -8.68
CA ASN C 128 20.31 -5.14 -9.69
C ASN C 128 20.94 -6.30 -8.94
N VAL C 129 20.60 -7.50 -9.38
CA VAL C 129 20.99 -8.73 -8.73
C VAL C 129 22.46 -9.00 -8.76
N ALA C 130 23.16 -8.41 -9.72
CA ALA C 130 24.60 -8.50 -9.77
C ALA C 130 25.19 -7.74 -8.61
N SER C 131 24.65 -6.56 -8.33
CA SER C 131 25.10 -5.77 -7.18
C SER C 131 24.60 -6.31 -5.88
N VAL C 132 23.36 -6.75 -5.83
CA VAL C 132 22.70 -7.11 -4.61
C VAL C 132 22.05 -8.46 -4.80
N PRO C 133 22.79 -9.50 -4.53
CA PRO C 133 22.31 -10.90 -4.68
C PRO C 133 20.98 -11.21 -4.05
N ASP C 134 20.63 -10.59 -2.91
CA ASP C 134 19.32 -10.84 -2.26
C ASP C 134 18.11 -10.31 -3.05
N ALA C 135 18.35 -9.48 -4.07
CA ALA C 135 17.24 -9.02 -4.91
C ALA C 135 16.58 -10.24 -5.56
N GLY C 136 17.35 -11.32 -5.71
CA GLY C 136 16.86 -12.61 -6.17
C GLY C 136 16.12 -13.35 -5.06
N LYS C 137 16.69 -13.38 -3.85
CA LYS C 137 15.99 -13.85 -2.67
C LYS C 137 14.56 -13.33 -2.53
N VAL C 138 14.29 -12.07 -2.89
CA VAL C 138 12.87 -11.61 -2.81
C VAL C 138 11.91 -12.43 -3.67
N ASP C 139 12.32 -12.75 -4.89
CA ASP C 139 11.51 -13.64 -5.72
C ASP C 139 11.33 -15.01 -5.08
N ARG C 140 12.40 -15.57 -4.51
CA ARG C 140 12.31 -16.91 -3.93
C ARG C 140 11.50 -16.94 -2.64
N ALA C 141 11.70 -15.94 -1.78
CA ALA C 141 10.92 -15.77 -0.55
C ALA C 141 9.43 -15.64 -0.79
N PHE C 142 9.06 -14.83 -1.79
CA PHE C 142 7.67 -14.62 -2.20
C PHE C 142 7.06 -15.91 -2.77
N ARG C 143 7.81 -16.61 -3.61
CA ARG C 143 7.28 -17.83 -4.13
C ARG C 143 6.98 -18.85 -3.02
N GLN C 144 7.91 -19.02 -2.09
CA GLN C 144 7.74 -20.03 -1.06
C GLN C 144 6.53 -19.72 -0.15
N ILE C 145 6.29 -18.46 0.17
CA ILE C 145 5.14 -18.14 1.00
C ILE C 145 3.86 -18.15 0.20
N MSE C 146 3.86 -17.74 -1.07
CA MSE C 146 2.71 -17.91 -1.93
C MSE C 146 2.39 -19.42 -2.00
O MSE C 146 1.24 -19.82 -1.92
CB MSE C 146 2.98 -17.35 -3.32
CG MSE C 146 3.12 -15.86 -3.44
SE MSE C 146 1.46 -14.98 -3.05
CE MSE C 146 1.43 -15.19 -1.11
N LEU C 147 3.43 -20.25 -2.10
CA LEU C 147 3.24 -21.70 -2.18
C LEU C 147 2.64 -22.29 -0.90
N ASP C 148 3.13 -21.86 0.25
CA ASP C 148 2.50 -22.27 1.50
C ASP C 148 1.03 -21.83 1.67
N ALA C 149 0.76 -20.54 1.42
CA ALA C 149 -0.59 -20.02 1.50
C ALA C 149 -1.51 -20.83 0.62
N ALA C 150 -1.11 -21.10 -0.62
CA ALA C 150 -1.93 -21.86 -1.57
C ALA C 150 -1.99 -23.33 -1.23
N GLY C 151 -1.07 -23.76 -0.37
CA GLY C 151 -0.96 -25.18 0.02
C GLY C 151 -0.55 -26.13 -1.09
N ILE C 152 0.35 -25.70 -1.95
CA ILE C 152 0.78 -26.50 -3.07
C ILE C 152 2.20 -27.03 -2.81
N GLU C 153 2.33 -28.32 -2.52
CA GLU C 153 3.61 -28.97 -2.24
C GLU C 153 4.38 -29.21 -3.57
N HIS C 154 3.71 -29.70 -4.62
CA HIS C 154 4.40 -29.80 -5.93
C HIS C 154 3.70 -28.96 -7.00
N PRO C 155 4.12 -27.70 -7.12
CA PRO C 155 3.50 -26.81 -8.08
C PRO C 155 3.76 -27.20 -9.51
N THR C 156 2.70 -27.11 -10.29
CA THR C 156 2.73 -27.21 -11.72
C THR C 156 3.43 -25.94 -12.19
N GLU C 157 3.73 -25.77 -13.48
CA GLU C 157 4.31 -24.49 -13.93
C GLU C 157 3.28 -23.40 -14.14
N GLU C 158 2.04 -23.78 -14.32
CA GLU C 158 0.97 -22.80 -14.37
C GLU C 158 0.84 -22.10 -13.01
N ASP C 159 0.99 -22.89 -11.94
CA ASP C 159 0.91 -22.40 -10.58
C ASP C 159 1.97 -21.37 -10.37
N LEU C 160 3.20 -21.73 -10.70
CA LEU C 160 4.34 -20.84 -10.45
C LEU C 160 4.18 -19.55 -11.18
N THR C 161 3.70 -19.64 -12.42
CA THR C 161 3.54 -18.48 -13.27
C THR C 161 2.51 -17.54 -12.67
N ALA C 162 1.38 -18.11 -12.28
CA ALA C 162 0.26 -17.33 -11.77
C ALA C 162 0.66 -16.61 -10.51
N LEU C 163 1.33 -17.35 -9.57
CA LEU C 163 1.78 -16.79 -8.30
C LEU C 163 2.86 -15.83 -8.59
N ARG C 164 3.62 -16.05 -9.64
CA ARG C 164 4.70 -15.09 -9.94
C ARG C 164 4.12 -13.84 -10.61
N LEU C 165 3.10 -14.00 -11.47
CA LEU C 165 2.43 -12.79 -11.96
C LEU C 165 1.85 -12.01 -10.77
N LEU C 166 1.15 -12.71 -9.86
CA LEU C 166 0.54 -12.09 -8.72
C LEU C 166 1.43 -11.22 -7.83
N VAL C 167 2.63 -11.66 -7.46
CA VAL C 167 3.38 -10.82 -6.57
C VAL C 167 3.97 -9.64 -7.33
N GLN C 168 4.14 -9.85 -8.63
CA GLN C 168 4.66 -8.79 -9.48
C GLN C 168 3.60 -7.69 -9.56
N LEU C 169 2.34 -8.10 -9.69
CA LEU C 169 1.21 -7.20 -9.67
C LEU C 169 1.16 -6.50 -8.30
N TRP C 170 1.36 -7.24 -7.23
CA TRP C 170 1.25 -6.67 -5.91
C TRP C 170 2.34 -5.63 -5.64
N PHE C 171 3.53 -5.82 -6.20
CA PHE C 171 4.59 -4.81 -6.03
C PHE C 171 4.21 -3.52 -6.69
N GLY C 172 3.57 -3.64 -7.86
CA GLY C 172 3.05 -2.54 -8.58
C GLY C 172 2.02 -1.81 -7.75
N VAL C 173 1.16 -2.53 -7.06
CA VAL C 173 0.02 -1.93 -6.42
C VAL C 173 0.39 -1.19 -5.14
N ILE C 174 1.26 -1.81 -4.36
CA ILE C 174 1.87 -1.15 -3.21
C ILE C 174 2.58 0.16 -3.64
N GLN C 175 3.53 0.08 -4.56
CA GLN C 175 4.15 1.28 -5.20
C GLN C 175 3.16 2.36 -5.62
N SER C 176 2.06 1.95 -6.24
CA SER C 176 1.04 2.91 -6.66
C SER C 176 0.27 3.47 -5.46
N CYS C 177 0.28 2.73 -4.34
CA CYS C 177 -0.27 3.37 -3.16
C CYS C 177 0.72 4.37 -2.60
N LEU C 178 1.94 3.91 -2.39
CA LEU C 178 2.99 4.72 -1.83
C LEU C 178 3.20 6.03 -2.56
N ASN C 179 2.99 6.07 -3.86
CA ASN C 179 3.12 7.34 -4.56
C ASN C 179 1.80 8.07 -4.86
N GLY C 180 0.72 7.68 -4.18
CA GLY C 180 -0.55 8.46 -4.17
C GLY C 180 -1.50 8.27 -5.35
N ARG C 181 -1.26 7.25 -6.17
CA ARG C 181 -2.07 7.02 -7.38
C ARG C 181 -3.42 6.44 -7.02
N VAL C 182 -3.38 5.46 -6.13
CA VAL C 182 -4.56 4.79 -5.63
C VAL C 182 -4.56 5.07 -4.12
N SER C 183 -5.72 5.03 -3.49
CA SER C 183 -5.74 4.93 -2.02
C SER C 183 -5.96 3.52 -1.49
N ILE C 184 -5.54 3.30 -0.24
CA ILE C 184 -5.54 1.98 0.43
C ILE C 184 -6.74 1.04 0.15
N PRO C 185 -7.98 1.50 0.38
CA PRO C 185 -9.10 0.64 -0.02
C PRO C 185 -9.14 0.22 -1.50
N ASP C 186 -8.80 1.13 -2.42
CA ASP C 186 -8.75 0.81 -3.87
C ASP C 186 -7.65 -0.20 -4.22
N ALA C 187 -6.48 -0.04 -3.60
CA ALA C 187 -5.37 -0.99 -3.76
C ALA C 187 -5.87 -2.36 -3.36
N GLU C 188 -6.37 -2.48 -2.12
CA GLU C 188 -7.08 -3.68 -1.67
C GLU C 188 -8.11 -4.16 -2.66
N SER C 189 -8.96 -3.28 -3.17
CA SER C 189 -9.90 -3.74 -4.20
C SER C 189 -9.15 -4.29 -5.42
N ASP C 190 -8.06 -3.61 -5.81
CA ASP C 190 -7.22 -4.05 -6.92
C ASP C 190 -6.64 -5.42 -6.69
N ILE C 191 -6.21 -5.68 -5.47
CA ILE C 191 -5.63 -6.98 -5.22
C ILE C 191 -6.61 -8.18 -5.16
N ARG C 192 -7.89 -7.94 -4.90
CA ARG C 192 -8.91 -8.97 -4.94
C ARG C 192 -9.26 -9.38 -6.37
N ARG C 193 -9.32 -8.39 -7.26
CA ARG C 193 -9.52 -8.68 -8.68
C ARG C 193 -8.33 -9.48 -9.22
N ALA C 194 -7.10 -8.97 -9.02
CA ALA C 194 -5.95 -9.74 -9.46
C ALA C 194 -6.10 -11.20 -9.02
N CYS C 195 -6.38 -11.40 -7.72
CA CYS C 195 -6.46 -12.74 -7.19
C CYS C 195 -7.45 -13.53 -8.01
N ASP C 196 -8.67 -13.00 -8.15
CA ASP C 196 -9.69 -13.72 -8.89
C ASP C 196 -9.30 -13.98 -10.30
N LEU C 197 -8.55 -13.05 -10.90
CA LEU C 197 -8.28 -13.17 -12.33
C LEU C 197 -7.09 -14.07 -12.64
N LEU C 198 -6.01 -13.90 -11.87
CA LEU C 198 -4.80 -14.64 -12.12
C LEU C 198 -4.77 -16.06 -11.50
N LEU C 199 -5.59 -16.33 -10.50
CA LEU C 199 -5.46 -17.62 -9.84
C LEU C 199 -6.55 -18.60 -10.28
N VAL C 200 -7.17 -18.39 -11.44
CA VAL C 200 -8.33 -19.21 -11.81
C VAL C 200 -7.92 -20.68 -11.97
N ASN C 201 -6.77 -20.92 -12.57
CA ASN C 201 -6.32 -22.29 -12.79
C ASN C 201 -5.41 -22.79 -11.69
N LEU C 202 -5.25 -22.04 -10.60
CA LEU C 202 -4.40 -22.50 -9.51
C LEU C 202 -4.85 -23.90 -9.07
N SER C 203 -3.91 -24.84 -9.00
CA SER C 203 -4.25 -26.21 -8.59
C SER C 203 -4.60 -26.31 -7.10
N HIS C 204 -5.59 -27.15 -6.80
CA HIS C 204 -6.18 -27.36 -5.45
C HIS C 204 -7.44 -26.51 -5.24
N ARG D 23 12.59 24.00 -27.87
CA ARG D 23 13.02 24.63 -26.59
C ARG D 23 13.13 23.60 -25.50
N HIS D 24 12.01 22.92 -25.22
CA HIS D 24 11.94 21.85 -24.23
C HIS D 24 12.51 20.56 -24.80
N VAL D 25 12.83 20.64 -26.09
CA VAL D 25 13.33 19.55 -26.87
C VAL D 25 14.81 19.37 -26.56
N ARG D 26 15.51 20.47 -26.36
CA ARG D 26 16.92 20.42 -25.96
C ARG D 26 17.06 19.76 -24.61
N MSE D 27 16.18 20.17 -23.69
CA MSE D 27 16.21 19.67 -22.35
C MSE D 27 15.96 18.16 -22.41
O MSE D 27 16.86 17.38 -22.07
CB MSE D 27 15.17 20.40 -21.48
CG MSE D 27 15.26 21.96 -21.58
SE MSE D 27 14.04 23.00 -20.45
CE MSE D 27 13.90 24.64 -21.52
N LEU D 28 14.79 17.78 -22.90
CA LEU D 28 14.46 16.37 -23.18
C LEU D 28 15.59 15.55 -23.80
N GLU D 29 16.18 16.06 -24.87
CA GLU D 29 17.20 15.32 -25.62
C GLU D 29 18.53 15.18 -24.88
N ALA D 30 19.01 16.24 -24.21
CA ALA D 30 20.15 16.13 -23.30
C ALA D 30 19.89 15.17 -22.10
N ALA D 31 18.62 15.06 -21.68
CA ALA D 31 18.27 14.21 -20.54
C ALA D 31 18.48 12.77 -20.95
N ILE D 32 17.92 12.44 -22.12
CA ILE D 32 18.15 11.15 -22.81
C ILE D 32 19.63 10.87 -23.08
N GLU D 33 20.37 11.86 -23.56
CA GLU D 33 21.81 11.67 -23.77
C GLU D 33 22.53 11.23 -22.50
N LEU D 34 22.37 12.00 -21.43
CA LEU D 34 23.15 11.79 -20.20
C LEU D 34 22.81 10.49 -19.52
N ALA D 35 21.55 10.11 -19.63
CA ALA D 35 21.04 8.90 -19.02
C ALA D 35 21.36 7.66 -19.87
N THR D 36 21.63 7.88 -21.15
CA THR D 36 22.09 6.76 -21.93
C THR D 36 23.55 6.42 -21.58
N GLU D 37 24.33 7.39 -21.09
CA GLU D 37 25.75 7.17 -20.81
C GLU D 37 26.19 7.03 -19.35
N LYS D 38 25.29 7.34 -18.43
CA LYS D 38 25.55 7.30 -16.99
C LYS D 38 24.30 6.72 -16.35
N GLU D 39 24.42 6.12 -15.17
CA GLU D 39 23.20 5.79 -14.45
C GLU D 39 22.55 7.01 -13.76
N LEU D 40 21.27 6.87 -13.39
CA LEU D 40 20.46 7.98 -12.92
C LEU D 40 21.17 8.84 -11.84
N ALA D 41 21.81 8.19 -10.88
CA ALA D 41 22.48 8.88 -9.76
C ALA D 41 23.67 9.71 -10.19
N ARG D 42 24.05 9.68 -11.46
CA ARG D 42 25.18 10.50 -11.86
C ARG D 42 24.78 11.60 -12.79
N VAL D 43 23.63 11.48 -13.43
CA VAL D 43 23.21 12.57 -14.32
C VAL D 43 22.86 13.73 -13.38
N GLN D 44 23.30 14.93 -13.74
CA GLN D 44 23.06 16.06 -12.85
C GLN D 44 22.38 17.18 -13.60
N MSE D 45 21.58 17.94 -12.89
CA MSE D 45 20.80 18.99 -13.53
C MSE D 45 21.66 20.05 -14.20
O MSE D 45 21.27 20.57 -15.24
CB MSE D 45 19.83 19.61 -12.51
CG MSE D 45 18.74 18.63 -12.03
SE MSE D 45 17.65 17.94 -13.52
CE MSE D 45 16.61 19.56 -13.89
N HIS D 46 22.82 20.35 -13.61
CA HIS D 46 23.82 21.26 -14.19
C HIS D 46 24.51 20.62 -15.41
N GLU D 47 24.80 19.32 -15.33
CA GLU D 47 25.27 18.56 -16.50
C GLU D 47 24.20 18.62 -17.59
N VAL D 48 22.93 18.46 -17.17
CA VAL D 48 21.79 18.43 -18.09
C VAL D 48 21.61 19.77 -18.76
N ALA D 49 21.95 20.83 -18.03
CA ALA D 49 21.72 22.19 -18.50
C ALA D 49 22.75 22.60 -19.50
N LYS D 50 24.03 22.25 -19.26
CA LYS D 50 25.06 22.64 -20.21
C LYS D 50 24.86 21.97 -21.58
N ARG D 51 24.47 20.69 -21.59
CA ARG D 51 24.36 20.03 -22.89
C ARG D 51 23.18 20.51 -23.73
N ALA D 52 22.05 20.75 -23.07
CA ALA D 52 20.93 21.41 -23.72
C ALA D 52 21.33 22.85 -24.10
N GLY D 53 22.31 23.37 -23.39
CA GLY D 53 22.78 24.72 -23.62
C GLY D 53 21.80 25.72 -23.06
N VAL D 54 21.42 25.56 -21.79
CA VAL D 54 20.81 26.67 -21.03
C VAL D 54 21.31 26.81 -19.56
N ALA D 55 20.93 27.92 -18.92
CA ALA D 55 21.29 28.20 -17.52
C ALA D 55 20.43 27.36 -16.53
N ILE D 56 21.09 26.84 -15.50
CA ILE D 56 20.51 25.91 -14.51
C ILE D 56 19.07 26.27 -14.03
N GLY D 57 18.80 27.56 -13.88
CA GLY D 57 17.49 28.07 -13.46
C GLY D 57 16.39 28.11 -14.53
N THR D 58 16.75 28.14 -15.82
CA THR D 58 15.72 28.17 -16.90
C THR D 58 15.13 26.76 -17.17
N LEU D 59 16.02 25.77 -17.07
CA LEU D 59 15.62 24.38 -17.00
C LEU D 59 14.64 24.20 -15.84
N TYR D 60 15.07 24.56 -14.63
CA TYR D 60 14.30 24.30 -13.42
C TYR D 60 12.90 24.91 -13.50
N ARG D 61 12.75 25.94 -14.32
CA ARG D 61 11.45 26.56 -14.52
C ARG D 61 10.54 25.59 -15.27
N TYR D 62 11.16 24.79 -16.14
CA TYR D 62 10.44 23.81 -16.92
C TYR D 62 10.45 22.44 -16.28
N PHE D 63 11.53 22.10 -15.58
CA PHE D 63 11.61 20.81 -14.87
C PHE D 63 12.23 20.97 -13.48
N PRO D 64 11.40 21.18 -12.45
CA PRO D 64 11.90 21.52 -11.13
C PRO D 64 12.50 20.36 -10.34
N SER D 65 12.80 19.26 -10.99
CA SER D 65 13.60 18.24 -10.33
C SER D 65 13.92 17.17 -11.34
N LYS D 66 14.95 16.38 -11.06
CA LYS D 66 15.37 15.32 -11.95
C LYS D 66 14.20 14.38 -12.31
N THR D 67 13.37 14.11 -11.32
CA THR D 67 12.23 13.22 -11.44
C THR D 67 11.20 13.83 -12.40
N HIS D 68 10.95 15.14 -12.29
CA HIS D 68 10.05 15.83 -13.21
C HIS D 68 10.58 15.68 -14.63
N LEU D 69 11.90 15.73 -14.75
CA LEU D 69 12.54 15.67 -16.05
C LEU D 69 12.36 14.30 -16.61
N PHE D 70 12.59 13.27 -15.80
CA PHE D 70 12.58 11.94 -16.36
C PHE D 70 11.23 11.34 -16.62
N VAL D 71 10.26 11.76 -15.84
CA VAL D 71 8.88 11.43 -16.08
C VAL D 71 8.45 12.15 -17.38
N ALA D 72 8.93 13.38 -17.59
CA ALA D 72 8.66 14.06 -18.83
C ALA D 72 9.27 13.28 -19.99
N VAL D 73 10.53 12.88 -19.85
CA VAL D 73 11.18 12.10 -20.87
C VAL D 73 10.35 10.86 -21.14
N MSE D 74 9.72 10.31 -20.12
CA MSE D 74 8.90 9.13 -20.29
C MSE D 74 7.67 9.43 -21.16
O MSE D 74 7.51 8.83 -22.21
CB MSE D 74 8.51 8.54 -18.94
CG MSE D 74 7.49 7.43 -18.97
SE MSE D 74 8.21 5.63 -18.66
CE MSE D 74 8.95 5.35 -20.47
N VAL D 75 6.84 10.37 -20.73
CA VAL D 75 5.67 10.82 -21.52
C VAL D 75 6.00 11.07 -23.00
N ASP D 76 7.05 11.85 -23.27
CA ASP D 76 7.51 12.12 -24.63
C ASP D 76 7.76 10.84 -25.39
N GLN D 77 8.15 9.79 -24.66
CA GLN D 77 8.64 8.54 -25.21
C GLN D 77 7.55 7.50 -25.47
N ILE D 78 6.42 7.59 -24.75
CA ILE D 78 5.23 6.80 -25.08
C ILE D 78 4.57 7.36 -26.34
N ASP D 79 4.68 8.69 -26.50
CA ASP D 79 4.15 9.39 -27.66
C ASP D 79 5.07 9.23 -28.86
N ARG D 80 6.22 8.57 -28.67
CA ARG D 80 7.15 8.36 -29.77
C ARG D 80 6.92 6.98 -30.37
N MSE D 81 5.96 6.26 -29.78
CA MSE D 81 5.43 5.03 -30.35
C MSE D 81 3.96 5.24 -30.67
O MSE D 81 3.40 4.61 -31.56
CB MSE D 81 5.58 3.89 -29.37
CG MSE D 81 4.43 3.78 -28.39
SE MSE D 81 4.78 2.56 -26.90
CE MSE D 81 4.68 0.83 -27.82
N PRO D 90 -7.12 -3.72 -38.36
CA PRO D 90 -7.93 -4.95 -38.17
C PRO D 90 -7.44 -6.15 -39.01
N PRO D 91 -6.78 -7.16 -38.38
CA PRO D 91 -6.53 -8.48 -39.00
C PRO D 91 -7.61 -9.57 -38.79
N GLY D 92 -8.32 -9.54 -37.67
CA GLY D 92 -9.17 -10.67 -37.25
C GLY D 92 -8.55 -11.39 -36.04
N GLU D 93 -7.51 -10.77 -35.46
CA GLU D 93 -6.83 -11.21 -34.24
C GLU D 93 -7.66 -10.81 -33.03
N SER D 94 -7.32 -11.35 -31.87
CA SER D 94 -8.05 -11.05 -30.65
C SER D 94 -7.53 -9.76 -29.96
N PRO D 95 -8.42 -9.00 -29.29
CA PRO D 95 -8.08 -7.90 -28.38
C PRO D 95 -6.90 -8.22 -27.45
N GLN D 96 -6.97 -9.37 -26.80
CA GLN D 96 -5.90 -9.84 -25.95
C GLN D 96 -4.60 -9.93 -26.77
N ASP D 97 -4.68 -10.45 -27.98
CA ASP D 97 -3.50 -10.56 -28.85
C ASP D 97 -2.97 -9.19 -29.31
N ALA D 98 -3.86 -8.21 -29.50
CA ALA D 98 -3.37 -6.91 -29.93
C ALA D 98 -2.75 -6.18 -28.73
N VAL D 99 -3.29 -6.41 -27.55
CA VAL D 99 -2.64 -5.83 -26.41
C VAL D 99 -1.25 -6.48 -26.27
N TYR D 100 -1.19 -7.80 -26.25
CA TYR D 100 0.10 -8.45 -26.15
C TYR D 100 1.10 -7.87 -27.14
N ASN D 101 0.69 -7.71 -28.40
CA ASN D 101 1.60 -7.18 -29.43
C ASN D 101 2.23 -5.83 -29.06
N VAL D 102 1.40 -4.89 -28.59
CA VAL D 102 1.85 -3.55 -28.20
C VAL D 102 2.77 -3.59 -26.99
N LEU D 103 2.48 -4.47 -26.04
CA LEU D 103 3.27 -4.53 -24.82
C LEU D 103 4.66 -5.06 -25.12
N VAL D 104 4.74 -5.94 -26.12
CA VAL D 104 5.95 -6.62 -26.50
C VAL D 104 6.88 -5.69 -27.32
N ARG D 105 6.28 -4.97 -28.25
CA ARG D 105 6.90 -3.81 -28.89
C ARG D 105 7.63 -3.03 -27.79
N ALA D 106 6.85 -2.64 -26.76
CA ALA D 106 7.31 -1.66 -25.82
C ALA D 106 8.37 -2.28 -24.92
N THR D 107 8.13 -3.50 -24.42
CA THR D 107 9.08 -4.22 -23.64
C THR D 107 10.43 -4.28 -24.37
N ARG D 108 10.39 -4.71 -25.63
CA ARG D 108 11.62 -4.87 -26.38
C ARG D 108 12.35 -3.55 -26.63
N GLY D 109 11.63 -2.49 -26.97
CA GLY D 109 12.23 -1.13 -27.15
C GLY D 109 12.88 -0.60 -25.87
N LEU D 110 12.22 -0.83 -24.74
CA LEU D 110 12.79 -0.56 -23.44
C LEU D 110 14.05 -1.41 -23.03
N LEU D 111 14.05 -2.70 -23.32
CA LEU D 111 15.23 -3.51 -22.99
C LEU D 111 16.39 -3.27 -23.93
N ARG D 112 16.11 -2.71 -25.08
CA ARG D 112 17.16 -2.36 -25.99
C ARG D 112 17.88 -1.10 -25.57
N ARG D 113 17.36 -0.39 -24.55
CA ARG D 113 18.08 0.78 -23.98
C ARG D 113 17.94 0.80 -22.46
N PRO D 114 18.58 -0.17 -21.78
CA PRO D 114 18.42 -0.39 -20.33
C PRO D 114 18.75 0.83 -19.48
N ALA D 115 19.79 1.54 -19.89
CA ALA D 115 20.33 2.65 -19.13
C ALA D 115 19.26 3.76 -19.00
N LEU D 116 18.71 4.22 -20.13
CA LEU D 116 17.63 5.19 -20.15
C LEU D 116 16.32 4.63 -19.58
N SER D 117 15.96 3.38 -19.92
CA SER D 117 14.69 2.84 -19.39
C SER D 117 14.73 2.71 -17.84
N THR D 118 15.87 2.28 -17.29
CA THR D 118 16.08 2.34 -15.85
C THR D 118 15.82 3.77 -15.41
N ALA D 119 16.60 4.72 -15.93
CA ALA D 119 16.38 6.12 -15.53
C ALA D 119 14.88 6.46 -15.52
N MSE D 120 14.20 6.19 -16.62
CA MSE D 120 12.79 6.47 -16.76
C MSE D 120 11.89 5.77 -15.76
O MSE D 120 11.06 6.41 -15.10
CB MSE D 120 12.33 6.07 -18.16
CG MSE D 120 12.25 7.20 -19.12
SE MSE D 120 12.21 6.60 -20.98
CE MSE D 120 12.52 8.33 -21.71
N ILE D 121 12.05 4.45 -15.67
CA ILE D 121 11.14 3.61 -14.93
C ILE D 121 11.23 3.95 -13.44
N GLN D 122 12.45 4.17 -12.98
CA GLN D 122 12.69 4.52 -11.58
C GLN D 122 12.02 5.82 -11.21
N SER D 123 12.35 6.86 -11.97
CA SER D 123 11.76 8.17 -11.83
C SER D 123 10.24 8.10 -11.77
N THR D 124 9.67 7.20 -12.57
CA THR D 124 8.22 7.04 -12.68
C THR D 124 7.62 6.35 -11.46
N SER D 125 8.32 5.33 -10.99
CA SER D 125 7.84 4.62 -9.82
C SER D 125 8.00 5.48 -8.56
N THR D 126 9.01 6.34 -8.54
CA THR D 126 9.32 7.18 -7.39
C THR D 126 8.34 8.35 -7.28
N ALA D 127 7.92 8.87 -8.44
CA ALA D 127 7.16 10.12 -8.51
C ALA D 127 5.77 10.10 -7.91
N ASN D 128 5.55 10.91 -6.90
CA ASN D 128 4.21 11.08 -6.36
C ASN D 128 3.44 12.03 -7.25
N VAL D 129 2.21 11.66 -7.59
CA VAL D 129 1.44 12.44 -8.57
C VAL D 129 1.28 13.89 -8.13
N ALA D 130 0.83 14.12 -6.90
CA ALA D 130 0.70 15.48 -6.41
C ALA D 130 1.97 16.34 -6.58
N SER D 131 3.13 15.77 -6.32
CA SER D 131 4.39 16.48 -6.53
C SER D 131 4.67 16.73 -8.00
N VAL D 132 4.57 15.68 -8.81
CA VAL D 132 4.90 15.79 -10.23
C VAL D 132 3.75 15.46 -11.20
N PRO D 133 2.93 16.48 -11.56
CA PRO D 133 1.78 16.37 -12.46
C PRO D 133 1.91 15.25 -13.46
N ASP D 134 2.78 15.46 -14.44
CA ASP D 134 3.06 14.50 -15.52
C ASP D 134 2.99 13.02 -15.21
N ALA D 135 3.20 12.67 -13.95
CA ALA D 135 3.13 11.27 -13.54
C ALA D 135 1.77 10.69 -13.95
N GLY D 136 0.69 11.35 -13.51
CA GLY D 136 -0.67 10.97 -13.94
C GLY D 136 -0.75 10.77 -15.44
N LYS D 137 -0.28 11.76 -16.19
CA LYS D 137 -0.39 11.71 -17.63
C LYS D 137 0.40 10.55 -18.28
N VAL D 138 1.17 9.78 -17.51
CA VAL D 138 1.73 8.58 -18.13
C VAL D 138 0.74 7.41 -18.06
N ASP D 139 -0.13 7.41 -17.04
CA ASP D 139 -1.22 6.43 -16.93
C ASP D 139 -2.09 6.61 -18.13
N ARG D 140 -2.72 7.78 -18.16
CA ARG D 140 -3.63 8.16 -19.20
C ARG D 140 -3.06 7.76 -20.55
N ALA D 141 -1.78 8.03 -20.79
CA ALA D 141 -1.21 7.80 -22.10
C ALA D 141 -1.05 6.33 -22.44
N PHE D 142 -0.56 5.53 -21.49
CA PHE D 142 -0.39 4.11 -21.77
C PHE D 142 -1.76 3.42 -21.79
N ARG D 143 -2.70 3.96 -21.04
CA ARG D 143 -4.09 3.53 -21.11
C ARG D 143 -4.63 3.69 -22.55
N GLN D 144 -4.36 4.83 -23.18
CA GLN D 144 -4.87 5.09 -24.53
C GLN D 144 -4.22 4.27 -25.65
N ILE D 145 -2.90 4.04 -25.59
CA ILE D 145 -2.29 3.17 -26.60
C ILE D 145 -2.74 1.72 -26.40
N MSE D 146 -3.22 1.45 -25.19
CA MSE D 146 -3.72 0.15 -24.80
C MSE D 146 -5.04 -0.05 -25.52
O MSE D 146 -5.20 -0.99 -26.28
CB MSE D 146 -3.95 0.17 -23.30
CG MSE D 146 -3.78 -1.18 -22.63
SE MSE D 146 -1.96 -1.50 -22.04
CE MSE D 146 -1.04 -0.83 -23.65
N LEU D 147 -5.96 0.86 -25.25
CA LEU D 147 -7.27 0.91 -25.90
C LEU D 147 -7.17 1.07 -27.41
N ASP D 148 -6.24 1.89 -27.88
CA ASP D 148 -6.16 2.12 -29.32
C ASP D 148 -5.79 0.84 -30.00
N ALA D 149 -4.90 0.08 -29.37
CA ALA D 149 -4.53 -1.22 -29.88
C ALA D 149 -5.68 -2.23 -29.84
N ALA D 150 -6.62 -2.06 -28.91
CA ALA D 150 -7.67 -3.06 -28.74
C ALA D 150 -8.95 -2.84 -29.55
N GLY D 151 -9.43 -1.59 -29.63
CA GLY D 151 -10.82 -1.29 -30.03
C GLY D 151 -11.47 -0.78 -28.76
N ILE D 152 -12.00 0.44 -28.77
CA ILE D 152 -12.27 1.14 -27.49
C ILE D 152 -13.74 1.57 -27.18
N GLU D 153 -14.41 2.17 -28.15
CA GLU D 153 -15.85 2.38 -28.04
C GLU D 153 -16.40 2.81 -26.65
N HIS D 154 -15.64 3.65 -25.93
CA HIS D 154 -16.14 4.31 -24.68
C HIS D 154 -16.14 3.35 -23.46
N PRO D 155 -15.10 2.48 -23.31
CA PRO D 155 -15.23 1.13 -22.71
C PRO D 155 -15.67 1.07 -21.23
N THR D 156 -16.01 -0.15 -20.78
CA THR D 156 -16.57 -0.41 -19.44
C THR D 156 -15.54 -0.40 -18.31
N GLU D 157 -16.01 -0.15 -17.08
CA GLU D 157 -15.14 -0.03 -15.91
C GLU D 157 -14.24 -1.24 -15.76
N GLU D 158 -14.79 -2.40 -16.10
CA GLU D 158 -14.05 -3.65 -16.06
C GLU D 158 -12.93 -3.68 -17.12
N ASP D 159 -13.18 -3.10 -18.30
CA ASP D 159 -12.10 -2.89 -19.31
C ASP D 159 -10.94 -2.08 -18.71
N LEU D 160 -11.26 -0.95 -18.07
CA LEU D 160 -10.23 -0.08 -17.46
C LEU D 160 -9.43 -0.74 -16.32
N THR D 161 -10.14 -1.29 -15.35
CA THR D 161 -9.57 -2.09 -14.29
C THR D 161 -8.61 -3.19 -14.81
N ALA D 162 -9.08 -4.00 -15.76
CA ALA D 162 -8.21 -5.03 -16.32
C ALA D 162 -6.96 -4.38 -16.87
N LEU D 163 -7.16 -3.32 -17.65
CA LEU D 163 -6.05 -2.61 -18.27
C LEU D 163 -5.14 -1.97 -17.23
N ARG D 164 -5.72 -1.32 -16.23
CA ARG D 164 -4.94 -0.72 -15.12
C ARG D 164 -4.09 -1.80 -14.46
N LEU D 165 -4.71 -2.93 -14.13
CA LEU D 165 -3.97 -4.02 -13.54
C LEU D 165 -2.85 -4.49 -14.44
N LEU D 166 -3.15 -4.80 -15.69
CA LEU D 166 -2.13 -5.30 -16.63
C LEU D 166 -0.95 -4.35 -16.70
N VAL D 167 -1.19 -3.04 -16.76
CA VAL D 167 -0.04 -2.16 -16.79
C VAL D 167 0.74 -2.17 -15.50
N GLN D 168 0.07 -2.20 -14.37
CA GLN D 168 0.93 -2.14 -13.21
C GLN D 168 1.74 -3.41 -12.98
N LEU D 169 1.26 -4.53 -13.50
CA LEU D 169 2.12 -5.69 -13.42
C LEU D 169 3.21 -5.69 -14.49
N TRP D 170 2.95 -5.06 -15.63
CA TRP D 170 3.92 -4.96 -16.73
C TRP D 170 5.21 -4.23 -16.29
N PHE D 171 4.99 -3.08 -15.68
CA PHE D 171 5.99 -2.30 -14.99
C PHE D 171 6.93 -3.12 -14.11
N GLY D 172 6.37 -3.91 -13.21
CA GLY D 172 7.21 -4.70 -12.36
C GLY D 172 7.96 -5.81 -13.09
N VAL D 173 7.34 -6.39 -14.12
CA VAL D 173 8.00 -7.39 -14.93
C VAL D 173 9.21 -6.70 -15.58
N ILE D 174 8.99 -5.52 -16.17
CA ILE D 174 10.06 -4.74 -16.75
C ILE D 174 11.18 -4.42 -15.73
N GLN D 175 10.84 -3.94 -14.54
CA GLN D 175 11.86 -3.68 -13.52
C GLN D 175 12.63 -4.95 -13.24
N SER D 176 11.94 -6.07 -13.00
CA SER D 176 12.64 -7.32 -12.79
C SER D 176 13.61 -7.56 -13.90
N CYS D 177 13.16 -7.45 -15.11
CA CYS D 177 14.00 -7.78 -16.21
C CYS D 177 15.22 -6.91 -16.31
N LEU D 178 15.00 -5.62 -16.32
CA LEU D 178 16.10 -4.66 -16.25
C LEU D 178 17.04 -4.96 -15.12
N ASN D 179 16.54 -5.45 -14.01
CA ASN D 179 17.42 -5.76 -12.90
C ASN D 179 18.10 -7.14 -12.89
N GLY D 180 18.02 -7.88 -14.01
CA GLY D 180 18.53 -9.23 -14.09
C GLY D 180 17.78 -10.33 -13.31
N ARG D 181 16.59 -10.07 -12.77
CA ARG D 181 15.86 -11.14 -12.06
C ARG D 181 15.14 -12.16 -12.94
N VAL D 182 14.81 -11.78 -14.20
CA VAL D 182 14.20 -12.67 -15.18
C VAL D 182 14.78 -12.43 -16.57
N SER D 183 14.92 -13.47 -17.37
CA SER D 183 15.46 -13.32 -18.70
C SER D 183 14.49 -12.51 -19.56
N ILE D 184 14.96 -11.93 -20.67
CA ILE D 184 14.01 -11.34 -21.60
C ILE D 184 12.90 -12.36 -22.03
N PRO D 185 13.24 -13.60 -22.41
CA PRO D 185 12.09 -14.40 -22.85
C PRO D 185 11.13 -14.72 -21.78
N ASP D 186 11.61 -14.92 -20.57
CA ASP D 186 10.71 -15.25 -19.48
C ASP D 186 9.77 -14.09 -19.16
N ALA D 187 10.29 -12.87 -19.20
CA ALA D 187 9.48 -11.67 -19.03
C ALA D 187 8.37 -11.63 -20.09
N GLU D 188 8.73 -11.87 -21.36
CA GLU D 188 7.79 -11.99 -22.45
C GLU D 188 6.72 -13.07 -22.26
N SER D 189 7.07 -14.31 -21.88
CA SER D 189 6.04 -15.34 -21.58
C SER D 189 5.08 -14.83 -20.53
N ASP D 190 5.61 -14.08 -19.57
CA ASP D 190 4.86 -13.68 -18.41
C ASP D 190 3.95 -12.58 -18.81
N ILE D 191 4.42 -11.67 -19.65
CA ILE D 191 3.47 -10.66 -20.05
C ILE D 191 2.39 -11.28 -20.99
N ARG D 192 2.77 -12.26 -21.80
CA ARG D 192 1.79 -12.94 -22.65
C ARG D 192 0.74 -13.69 -21.82
N ARG D 193 1.13 -14.30 -20.71
CA ARG D 193 0.19 -15.03 -19.87
C ARG D 193 -0.70 -14.11 -19.05
N ALA D 194 -0.13 -13.00 -18.61
CA ALA D 194 -0.90 -11.97 -17.92
C ALA D 194 -1.93 -11.30 -18.81
N CYS D 195 -1.66 -11.21 -20.11
CA CYS D 195 -2.68 -10.76 -21.08
C CYS D 195 -3.82 -11.73 -21.16
N ASP D 196 -3.53 -12.99 -21.47
CA ASP D 196 -4.61 -14.03 -21.51
C ASP D 196 -5.45 -14.13 -20.24
N LEU D 197 -4.86 -13.97 -19.06
CA LEU D 197 -5.61 -13.98 -17.78
C LEU D 197 -6.24 -12.66 -17.44
N LEU D 198 -5.49 -11.56 -17.49
CA LEU D 198 -6.13 -10.30 -17.07
C LEU D 198 -7.15 -9.82 -18.10
N LEU D 199 -7.14 -10.34 -19.32
CA LEU D 199 -8.04 -9.77 -20.32
C LEU D 199 -9.13 -10.70 -20.91
N VAL D 200 -9.21 -11.94 -20.41
CA VAL D 200 -10.34 -12.84 -20.71
C VAL D 200 -11.58 -12.12 -21.19
N ASN D 201 -11.99 -11.10 -20.44
CA ASN D 201 -13.29 -10.46 -20.63
C ASN D 201 -13.26 -9.13 -21.35
N LEU D 202 -12.16 -8.89 -22.05
CA LEU D 202 -12.08 -7.77 -22.95
C LEU D 202 -13.23 -7.80 -24.00
N SER D 203 -13.61 -6.62 -24.49
CA SER D 203 -14.97 -6.33 -25.04
C SER D 203 -15.28 -6.70 -26.51
N HIS D 204 -14.22 -6.74 -27.32
CA HIS D 204 -14.32 -7.00 -28.78
C HIS D 204 -15.08 -5.89 -29.52
N SER E 17 1.06 -26.33 26.40
CA SER E 17 0.00 -26.31 25.37
C SER E 17 -1.29 -25.68 25.93
N GLU E 18 -1.09 -24.67 26.77
CA GLU E 18 -2.20 -23.99 27.42
C GLU E 18 -2.54 -22.74 26.64
N GLU E 19 -1.52 -21.97 26.24
CA GLU E 19 -1.71 -20.77 25.42
C GLU E 19 -2.41 -21.13 24.11
N GLN E 20 -2.27 -22.39 23.71
CA GLN E 20 -2.90 -22.95 22.50
C GLN E 20 -4.40 -23.07 22.68
N ARG E 21 -4.83 -23.58 23.82
CA ARG E 21 -6.24 -23.74 24.09
C ARG E 21 -6.93 -22.37 24.22
N ALA E 22 -6.19 -21.35 24.68
CA ALA E 22 -6.67 -19.96 24.73
C ALA E 22 -6.54 -19.24 23.39
N ARG E 23 -5.58 -19.68 22.58
CA ARG E 23 -5.50 -19.23 21.20
C ARG E 23 -6.76 -19.69 20.44
N HIS E 24 -7.15 -20.93 20.71
CA HIS E 24 -8.28 -21.57 20.02
C HIS E 24 -9.59 -20.86 20.33
N VAL E 25 -9.74 -20.44 21.59
CA VAL E 25 -10.94 -19.77 22.07
C VAL E 25 -11.02 -18.40 21.43
N ARG E 26 -9.87 -17.70 21.34
CA ARG E 26 -9.73 -16.41 20.62
C ARG E 26 -10.06 -16.49 19.13
N MSE E 27 -9.73 -17.61 18.49
CA MSE E 27 -10.08 -17.82 17.09
C MSE E 27 -11.58 -18.06 16.96
O MSE E 27 -12.24 -17.42 16.14
CB MSE E 27 -9.25 -18.94 16.47
CG MSE E 27 -7.85 -18.51 16.15
SE MSE E 27 -6.55 -19.88 15.68
CE MSE E 27 -6.95 -20.14 13.87
N LEU E 28 -12.13 -18.91 17.79
CA LEU E 28 -13.57 -19.11 17.76
C LEU E 28 -14.34 -17.89 18.18
N GLU E 29 -13.87 -17.16 19.20
CA GLU E 29 -14.57 -15.95 19.64
C GLU E 29 -14.57 -14.87 18.58
N ALA E 30 -13.39 -14.62 17.98
CA ALA E 30 -13.24 -13.70 16.85
C ALA E 30 -14.17 -14.05 15.69
N ALA E 31 -14.19 -15.33 15.35
CA ALA E 31 -15.19 -15.82 14.42
C ALA E 31 -16.62 -15.49 14.86
N ILE E 32 -16.99 -15.68 16.13
CA ILE E 32 -18.36 -15.34 16.56
C ILE E 32 -18.65 -13.86 16.30
N GLU E 33 -17.70 -12.99 16.67
CA GLU E 33 -17.88 -11.53 16.53
C GLU E 33 -18.14 -11.09 15.11
N LEU E 34 -17.22 -11.48 14.24
CA LEU E 34 -17.23 -11.00 12.88
C LEU E 34 -18.46 -11.41 12.09
N ALA E 35 -19.02 -12.58 12.39
CA ALA E 35 -20.30 -12.97 11.78
C ALA E 35 -21.57 -12.30 12.35
N THR E 36 -21.47 -11.70 13.55
CA THR E 36 -22.56 -10.81 14.01
C THR E 36 -22.58 -9.50 13.23
N GLU E 37 -21.38 -9.06 12.84
CA GLU E 37 -21.15 -7.74 12.22
C GLU E 37 -21.47 -7.62 10.73
N LYS E 38 -21.15 -8.64 9.92
CA LYS E 38 -21.37 -8.62 8.46
C LYS E 38 -21.86 -9.97 7.98
N GLU E 39 -22.42 -10.08 6.78
CA GLU E 39 -22.85 -11.44 6.37
C GLU E 39 -21.62 -12.28 5.96
N LEU E 40 -21.72 -13.60 6.13
CA LEU E 40 -20.69 -14.61 5.84
C LEU E 40 -19.77 -14.24 4.68
N ALA E 41 -20.37 -14.04 3.51
CA ALA E 41 -19.68 -13.51 2.32
C ALA E 41 -18.65 -12.43 2.60
N ARG E 42 -18.96 -11.47 3.47
CA ARG E 42 -18.09 -10.34 3.63
C ARG E 42 -17.07 -10.56 4.72
N VAL E 43 -17.24 -11.63 5.51
CA VAL E 43 -16.14 -11.94 6.42
C VAL E 43 -14.91 -12.50 5.72
N GLN E 44 -13.75 -11.95 6.05
CA GLN E 44 -12.47 -12.38 5.54
C GLN E 44 -11.60 -12.95 6.65
N MSE E 45 -10.81 -13.96 6.30
CA MSE E 45 -9.95 -14.64 7.28
C MSE E 45 -8.92 -13.73 7.96
O MSE E 45 -8.69 -13.88 9.15
CB MSE E 45 -9.28 -15.85 6.64
CG MSE E 45 -10.30 -16.87 6.16
SE MSE E 45 -11.02 -17.99 7.64
CE MSE E 45 -9.58 -19.34 7.75
N HIS E 46 -8.36 -12.76 7.24
CA HIS E 46 -7.43 -11.79 7.82
C HIS E 46 -8.08 -10.96 8.93
N GLU E 47 -9.37 -10.64 8.77
CA GLU E 47 -10.06 -9.88 9.82
C GLU E 47 -10.21 -10.82 10.99
N VAL E 48 -10.50 -12.08 10.72
CA VAL E 48 -10.50 -13.05 11.80
C VAL E 48 -9.13 -13.16 12.45
N ALA E 49 -8.07 -13.49 11.73
CA ALA E 49 -6.74 -13.52 12.35
C ALA E 49 -6.43 -12.30 13.20
N LYS E 50 -6.57 -11.10 12.63
CA LYS E 50 -6.24 -9.89 13.38
C LYS E 50 -7.01 -9.82 14.68
N ARG E 51 -8.33 -9.99 14.60
CA ARG E 51 -9.20 -10.02 15.78
C ARG E 51 -8.79 -11.06 16.83
N ALA E 52 -8.32 -12.22 16.37
CA ALA E 52 -7.87 -13.29 17.27
C ALA E 52 -6.43 -13.09 17.66
N GLY E 53 -5.77 -12.17 16.97
CA GLY E 53 -4.37 -11.84 17.25
C GLY E 53 -3.45 -13.01 16.92
N VAL E 54 -3.72 -13.68 15.81
CA VAL E 54 -2.81 -14.70 15.26
C VAL E 54 -2.27 -14.27 13.90
N ALA E 55 -1.12 -14.81 13.51
CA ALA E 55 -0.70 -14.76 12.12
C ALA E 55 -1.78 -15.43 11.23
N ILE E 56 -1.91 -14.98 9.98
CA ILE E 56 -2.90 -15.57 9.10
C ILE E 56 -2.66 -17.09 8.89
N GLY E 57 -1.39 -17.46 8.74
CA GLY E 57 -0.93 -18.81 8.62
C GLY E 57 -1.34 -19.72 9.75
N THR E 58 -1.17 -19.27 10.99
CA THR E 58 -1.63 -20.05 12.13
C THR E 58 -3.15 -20.17 12.18
N LEU E 59 -3.90 -19.14 11.80
CA LEU E 59 -5.33 -19.33 11.70
C LEU E 59 -5.71 -20.38 10.64
N TYR E 60 -4.99 -20.43 9.51
CA TYR E 60 -5.33 -21.42 8.48
C TYR E 60 -4.89 -22.81 8.88
N ARG E 61 -3.73 -22.89 9.51
CA ARG E 61 -3.24 -24.15 10.02
C ARG E 61 -4.34 -24.87 10.81
N TYR E 62 -5.24 -24.14 11.43
CA TYR E 62 -6.18 -24.77 12.33
C TYR E 62 -7.53 -24.81 11.74
N PHE E 63 -7.80 -23.84 10.86
CA PHE E 63 -9.06 -23.72 10.14
C PHE E 63 -8.75 -23.31 8.73
N PRO E 64 -8.59 -24.29 7.83
CA PRO E 64 -8.18 -24.07 6.42
C PRO E 64 -9.11 -23.21 5.58
N SER E 65 -10.33 -23.00 6.03
CA SER E 65 -11.26 -22.21 5.25
C SER E 65 -12.24 -21.63 6.24
N LYS E 66 -13.00 -20.63 5.81
CA LYS E 66 -14.14 -20.06 6.49
C LYS E 66 -15.19 -21.14 6.82
N THR E 67 -15.40 -22.06 5.89
CA THR E 67 -16.35 -23.12 6.11
C THR E 67 -15.86 -24.01 7.22
N HIS E 68 -14.57 -24.34 7.23
CA HIS E 68 -14.00 -25.10 8.34
C HIS E 68 -14.17 -24.35 9.63
N LEU E 69 -14.00 -23.04 9.55
CA LEU E 69 -14.09 -22.19 10.72
C LEU E 69 -15.48 -22.20 11.35
N PHE E 70 -16.50 -22.06 10.52
CA PHE E 70 -17.86 -21.91 11.02
C PHE E 70 -18.53 -23.21 11.42
N VAL E 71 -18.11 -24.29 10.80
CA VAL E 71 -18.35 -25.60 11.33
C VAL E 71 -17.75 -25.81 12.73
N ALA E 72 -16.43 -25.60 12.93
CA ALA E 72 -15.84 -25.72 14.26
C ALA E 72 -16.58 -24.92 15.34
N VAL E 73 -17.13 -23.77 14.94
CA VAL E 73 -17.82 -22.84 15.81
C VAL E 73 -19.13 -23.50 16.19
N MSE E 74 -19.85 -23.96 15.18
CA MSE E 74 -21.07 -24.74 15.41
C MSE E 74 -20.88 -25.87 16.40
O MSE E 74 -21.64 -25.98 17.37
CB MSE E 74 -21.63 -25.25 14.13
CG MSE E 74 -22.81 -24.44 13.71
SE MSE E 74 -24.52 -25.34 13.88
CE MSE E 74 -24.85 -25.62 12.00
N VAL E 75 -19.84 -26.69 16.19
CA VAL E 75 -19.59 -27.78 17.10
C VAL E 75 -19.49 -27.25 18.53
N ASP E 76 -18.84 -26.11 18.69
CA ASP E 76 -18.61 -25.56 20.02
C ASP E 76 -19.89 -24.91 20.62
N GLN E 77 -20.88 -24.69 19.77
CA GLN E 77 -22.12 -24.04 20.20
C GLN E 77 -23.21 -25.03 20.57
N ILE E 78 -23.23 -26.18 19.89
CA ILE E 78 -24.01 -27.33 20.30
C ILE E 78 -23.42 -27.90 21.59
N ASP E 79 -22.11 -28.06 21.62
CA ASP E 79 -21.39 -28.45 22.84
C ASP E 79 -21.74 -27.52 24.02
N ARG E 80 -22.43 -26.41 23.73
CA ARG E 80 -22.97 -25.51 24.78
C ARG E 80 -24.42 -25.78 25.18
N MSE E 81 -25.11 -26.64 24.43
CA MSE E 81 -26.33 -27.26 24.95
C MSE E 81 -25.93 -28.45 25.80
O MSE E 81 -26.75 -28.99 26.54
CB MSE E 81 -27.28 -27.67 23.84
CG MSE E 81 -28.42 -26.69 23.57
SE MSE E 81 -27.83 -25.09 22.58
CE MSE E 81 -27.20 -23.91 24.03
N GLY E 82 -24.67 -28.85 25.70
CA GLY E 82 -24.10 -29.92 26.51
C GLY E 82 -23.86 -29.51 27.96
N VAL E 83 -22.87 -28.64 28.17
CA VAL E 83 -22.45 -28.16 29.50
C VAL E 83 -23.60 -27.68 30.38
N PRO E 90 -39.19 -32.38 34.74
CA PRO E 90 -40.64 -32.19 34.67
C PRO E 90 -41.38 -33.53 34.74
N PRO E 91 -42.11 -33.80 35.86
CA PRO E 91 -42.85 -35.07 36.08
C PRO E 91 -43.54 -35.62 34.81
N GLY E 92 -43.72 -36.95 34.77
CA GLY E 92 -44.35 -37.66 33.64
C GLY E 92 -44.55 -36.97 32.27
N GLU E 93 -43.47 -36.76 31.53
CA GLU E 93 -43.58 -36.16 30.18
C GLU E 93 -43.07 -37.08 29.07
N SER E 94 -43.71 -37.02 27.91
CA SER E 94 -43.36 -37.89 26.80
C SER E 94 -41.99 -37.49 26.25
N PRO E 95 -41.13 -38.48 25.94
CA PRO E 95 -39.85 -38.17 25.24
C PRO E 95 -40.01 -37.30 24.00
N GLN E 96 -41.10 -37.44 23.24
CA GLN E 96 -41.32 -36.51 22.11
C GLN E 96 -41.44 -35.07 22.58
N ASP E 97 -42.13 -34.83 23.70
CA ASP E 97 -42.14 -33.48 24.30
C ASP E 97 -40.75 -33.07 24.81
N ALA E 98 -40.11 -33.93 25.61
CA ALA E 98 -38.73 -33.69 26.04
C ALA E 98 -37.85 -33.22 24.87
N VAL E 99 -37.83 -34.03 23.80
CA VAL E 99 -37.12 -33.67 22.59
C VAL E 99 -37.63 -32.34 22.01
N TYR E 100 -38.95 -32.23 21.88
CA TYR E 100 -39.50 -31.01 21.32
C TYR E 100 -39.00 -29.81 22.12
N ASN E 101 -39.15 -29.87 23.43
CA ASN E 101 -38.68 -28.81 24.33
C ASN E 101 -37.18 -28.48 24.18
N VAL E 102 -36.34 -29.46 23.84
CA VAL E 102 -34.91 -29.15 23.57
C VAL E 102 -34.78 -28.44 22.24
N LEU E 103 -35.55 -28.88 21.26
CA LEU E 103 -35.43 -28.32 19.92
C LEU E 103 -35.85 -26.86 19.80
N VAL E 104 -36.98 -26.53 20.44
CA VAL E 104 -37.54 -25.20 20.65
C VAL E 104 -36.50 -24.25 21.25
N ARG E 105 -35.94 -24.62 22.42
CA ARG E 105 -34.80 -23.95 23.05
C ARG E 105 -33.67 -23.73 22.02
N ALA E 106 -33.30 -24.76 21.27
CA ALA E 106 -32.21 -24.58 20.37
C ALA E 106 -32.64 -23.64 19.26
N THR E 107 -33.87 -23.76 18.81
CA THR E 107 -34.23 -22.87 17.72
C THR E 107 -34.40 -21.40 18.14
N ARG E 108 -34.85 -21.12 19.35
CA ARG E 108 -34.97 -19.72 19.69
C ARG E 108 -33.56 -19.20 19.86
N GLY E 109 -32.66 -20.11 20.24
CA GLY E 109 -31.26 -19.76 20.53
C GLY E 109 -30.65 -19.35 19.23
N LEU E 110 -30.81 -20.24 18.26
CA LEU E 110 -30.28 -19.97 16.93
C LEU E 110 -30.97 -18.73 16.33
N LEU E 111 -32.30 -18.67 16.33
CA LEU E 111 -32.97 -17.52 15.71
C LEU E 111 -32.74 -16.14 16.33
N ARG E 112 -32.20 -16.08 17.54
CA ARG E 112 -31.89 -14.83 18.24
C ARG E 112 -30.70 -14.11 17.64
N ARG E 113 -29.72 -14.87 17.16
CA ARG E 113 -28.57 -14.31 16.42
C ARG E 113 -28.57 -14.74 14.95
N PRO E 114 -29.50 -14.19 14.14
CA PRO E 114 -29.70 -14.73 12.80
C PRO E 114 -28.41 -14.77 12.01
N ALA E 115 -27.67 -13.68 12.00
CA ALA E 115 -26.44 -13.54 11.25
C ALA E 115 -25.38 -14.56 11.64
N LEU E 116 -25.07 -14.72 12.92
CA LEU E 116 -24.22 -15.84 13.36
C LEU E 116 -24.77 -17.20 12.88
N SER E 117 -26.03 -17.48 13.17
CA SER E 117 -26.64 -18.70 12.69
C SER E 117 -26.58 -18.92 11.18
N THR E 118 -26.80 -17.89 10.38
CA THR E 118 -26.69 -18.06 8.95
C THR E 118 -25.26 -18.50 8.68
N ALA E 119 -24.28 -17.83 9.28
CA ALA E 119 -22.92 -18.29 9.01
C ALA E 119 -22.68 -19.75 9.47
N MSE E 120 -23.31 -20.20 10.54
CA MSE E 120 -23.01 -21.55 11.04
C MSE E 120 -23.75 -22.62 10.26
O MSE E 120 -23.18 -23.62 9.84
CB MSE E 120 -23.34 -21.65 12.50
CG MSE E 120 -22.44 -20.88 13.41
SE MSE E 120 -23.16 -21.03 15.21
CE MSE E 120 -21.76 -21.96 16.10
N ILE E 121 -25.03 -22.40 10.04
CA ILE E 121 -25.87 -23.40 9.40
C ILE E 121 -25.51 -23.55 7.93
N GLN E 122 -25.33 -22.43 7.23
CA GLN E 122 -24.84 -22.49 5.86
C GLN E 122 -23.52 -23.14 5.69
N SER E 123 -22.59 -22.89 6.59
CA SER E 123 -21.28 -23.51 6.52
C SER E 123 -21.45 -24.98 6.70
N THR E 124 -22.33 -25.36 7.60
CA THR E 124 -22.45 -26.77 7.95
C THR E 124 -23.22 -27.52 6.88
N SER E 125 -23.92 -26.80 6.02
CA SER E 125 -24.80 -27.50 5.07
C SER E 125 -24.23 -27.60 3.67
N THR E 126 -23.22 -26.82 3.37
CA THR E 126 -22.57 -26.85 2.09
C THR E 126 -21.20 -27.45 2.24
N ALA E 127 -20.82 -27.90 3.44
CA ALA E 127 -19.51 -28.55 3.69
C ALA E 127 -19.44 -29.97 3.14
N ASN E 128 -18.51 -30.19 2.23
CA ASN E 128 -18.25 -31.47 1.76
C ASN E 128 -17.29 -32.09 2.77
N VAL E 129 -17.69 -33.27 3.24
CA VAL E 129 -17.00 -34.00 4.32
C VAL E 129 -15.59 -34.49 3.99
N ALA E 130 -15.24 -34.58 2.71
CA ALA E 130 -13.87 -34.95 2.32
C ALA E 130 -12.99 -33.77 2.56
N SER E 131 -13.64 -32.62 2.46
CA SER E 131 -13.00 -31.36 2.46
C SER E 131 -13.02 -30.77 3.86
N VAL E 132 -14.14 -30.89 4.55
CA VAL E 132 -14.22 -30.42 5.95
C VAL E 132 -14.76 -31.54 6.83
N PRO E 133 -13.85 -32.36 7.36
CA PRO E 133 -14.17 -33.53 8.15
C PRO E 133 -15.12 -33.31 9.35
N ASP E 134 -14.99 -32.18 10.06
CA ASP E 134 -15.80 -31.99 11.27
C ASP E 134 -17.26 -31.85 10.95
N ALA E 135 -17.60 -31.58 9.69
CA ALA E 135 -18.99 -31.58 9.27
C ALA E 135 -19.69 -32.86 9.75
N GLY E 136 -18.97 -33.99 9.79
CA GLY E 136 -19.46 -35.14 10.54
C GLY E 136 -19.92 -34.72 11.94
N LYS E 137 -18.97 -34.46 12.83
CA LYS E 137 -19.22 -34.05 14.23
C LYS E 137 -20.60 -33.45 14.62
N VAL E 138 -21.15 -32.55 13.80
CA VAL E 138 -22.33 -31.68 14.17
C VAL E 138 -23.64 -32.35 14.62
N ASP E 139 -24.21 -33.18 13.76
CA ASP E 139 -25.47 -33.77 14.11
C ASP E 139 -25.24 -34.97 15.00
N ARG E 140 -24.11 -35.65 14.82
CA ARG E 140 -23.67 -36.70 15.75
C ARG E 140 -23.67 -36.06 17.13
N ALA E 141 -23.18 -34.84 17.24
CA ALA E 141 -23.22 -34.13 18.52
C ALA E 141 -24.66 -33.83 18.94
N PHE E 142 -25.48 -33.42 17.98
CA PHE E 142 -26.84 -33.04 18.27
C PHE E 142 -27.65 -34.24 18.78
N ARG E 143 -27.68 -35.34 18.02
CA ARG E 143 -28.43 -36.54 18.43
C ARG E 143 -28.18 -36.90 19.88
N GLN E 144 -26.93 -36.71 20.32
CA GLN E 144 -26.55 -37.06 21.68
C GLN E 144 -27.37 -36.25 22.70
N ILE E 145 -27.50 -34.94 22.46
CA ILE E 145 -28.22 -34.06 23.36
C ILE E 145 -29.72 -34.41 23.40
N MSE E 146 -30.22 -34.99 22.31
CA MSE E 146 -31.60 -35.43 22.23
C MSE E 146 -31.87 -36.76 22.95
O MSE E 146 -32.85 -36.89 23.68
CB MSE E 146 -32.03 -35.50 20.78
CG MSE E 146 -32.57 -34.20 20.29
SE MSE E 146 -32.75 -34.27 18.37
CE MSE E 146 -30.87 -34.32 17.94
N LEU E 147 -30.97 -37.73 22.74
CA LEU E 147 -30.98 -38.97 23.49
C LEU E 147 -31.04 -38.63 24.96
N ASP E 148 -30.34 -37.55 25.33
CA ASP E 148 -30.16 -37.21 26.73
C ASP E 148 -31.32 -36.47 27.40
N ALA E 149 -32.06 -35.66 26.64
CA ALA E 149 -33.26 -35.04 27.17
C ALA E 149 -34.39 -36.06 27.14
N ALA E 150 -34.55 -36.75 26.01
CA ALA E 150 -35.54 -37.81 25.89
C ALA E 150 -35.31 -38.85 26.97
N GLY E 151 -34.07 -38.92 27.46
CA GLY E 151 -33.72 -39.75 28.61
C GLY E 151 -33.74 -41.22 28.28
N ILE E 152 -33.44 -41.53 27.02
CA ILE E 152 -33.34 -42.92 26.57
C ILE E 152 -31.89 -43.36 26.71
N GLU E 153 -31.72 -44.48 27.42
CA GLU E 153 -30.44 -45.17 27.54
C GLU E 153 -30.34 -46.28 26.49
N HIS E 154 -31.51 -46.75 26.03
CA HIS E 154 -31.70 -48.00 25.28
C HIS E 154 -31.61 -47.95 23.73
N PRO E 155 -31.15 -46.83 23.12
CA PRO E 155 -31.74 -46.49 21.83
C PRO E 155 -31.56 -47.52 20.72
N THR E 156 -32.69 -47.85 20.05
CA THR E 156 -32.72 -48.80 18.93
C THR E 156 -32.42 -48.19 17.58
N GLU E 157 -32.11 -49.05 16.60
CA GLU E 157 -31.89 -48.62 15.22
C GLU E 157 -33.00 -47.71 14.73
N GLU E 158 -34.25 -48.04 15.07
CA GLU E 158 -35.40 -47.21 14.71
C GLU E 158 -35.47 -45.89 15.50
N ASP E 159 -34.99 -45.88 16.74
CA ASP E 159 -34.88 -44.64 17.54
C ASP E 159 -33.84 -43.65 16.95
N LEU E 160 -32.61 -44.11 16.76
CA LEU E 160 -31.53 -43.23 16.31
C LEU E 160 -31.83 -42.65 14.92
N THR E 161 -32.38 -43.50 14.08
CA THR E 161 -32.83 -43.14 12.74
C THR E 161 -34.02 -42.16 12.75
N ALA E 162 -34.95 -42.32 13.68
CA ALA E 162 -36.06 -41.34 13.78
C ALA E 162 -35.53 -39.98 14.24
N LEU E 163 -34.69 -40.00 15.27
CA LEU E 163 -33.99 -38.79 15.72
C LEU E 163 -33.09 -38.17 14.67
N ARG E 164 -32.51 -38.96 13.79
CA ARG E 164 -31.62 -38.45 12.75
C ARG E 164 -32.46 -37.74 11.66
N LEU E 165 -33.65 -38.26 11.33
CA LEU E 165 -34.48 -37.54 10.38
C LEU E 165 -34.97 -36.20 10.96
N LEU E 166 -35.36 -36.22 12.25
CA LEU E 166 -35.73 -34.99 12.96
C LEU E 166 -34.69 -33.91 12.81
N VAL E 167 -33.41 -34.22 13.09
CA VAL E 167 -32.40 -33.17 13.14
C VAL E 167 -32.20 -32.61 11.75
N GLN E 168 -32.41 -33.44 10.75
CA GLN E 168 -32.11 -32.99 9.43
C GLN E 168 -33.20 -32.09 8.93
N LEU E 169 -34.42 -32.51 9.13
CA LEU E 169 -35.57 -31.72 8.82
C LEU E 169 -35.50 -30.43 9.65
N TRP E 170 -35.20 -30.59 10.93
CA TRP E 170 -35.02 -29.44 11.82
C TRP E 170 -34.08 -28.42 11.20
N PHE E 171 -32.92 -28.88 10.74
CA PHE E 171 -31.95 -27.98 10.12
C PHE E 171 -32.56 -27.22 8.96
N GLY E 172 -33.31 -27.95 8.13
CA GLY E 172 -33.96 -27.38 7.00
C GLY E 172 -34.91 -26.27 7.42
N VAL E 173 -35.70 -26.53 8.44
CA VAL E 173 -36.60 -25.51 8.92
C VAL E 173 -35.84 -24.24 9.32
N ILE E 174 -34.71 -24.38 9.97
CA ILE E 174 -33.96 -23.26 10.51
C ILE E 174 -33.47 -22.45 9.36
N GLN E 175 -32.85 -23.11 8.39
CA GLN E 175 -32.40 -22.39 7.23
C GLN E 175 -33.51 -21.69 6.52
N SER E 176 -34.61 -22.39 6.33
CA SER E 176 -35.75 -21.85 5.68
C SER E 176 -36.24 -20.58 6.38
N CYS E 177 -36.30 -20.62 7.70
CA CYS E 177 -36.68 -19.47 8.47
C CYS E 177 -35.63 -18.37 8.36
N LEU E 178 -34.35 -18.73 8.46
CA LEU E 178 -33.27 -17.75 8.24
C LEU E 178 -33.36 -17.08 6.87
N ASN E 179 -33.87 -17.74 5.84
CA ASN E 179 -33.90 -16.95 4.64
C ASN E 179 -35.28 -16.48 4.18
N GLY E 180 -36.19 -16.49 5.14
CA GLY E 180 -37.34 -15.66 5.04
C GLY E 180 -38.52 -16.37 4.46
N ARG E 181 -38.45 -17.71 4.36
CA ARG E 181 -39.60 -18.47 3.80
C ARG E 181 -40.68 -19.00 4.78
N VAL E 182 -40.42 -18.92 6.09
CA VAL E 182 -41.42 -19.19 7.11
C VAL E 182 -41.24 -18.22 8.25
N SER E 183 -42.37 -17.77 8.84
CA SER E 183 -42.32 -17.05 10.10
C SER E 183 -41.77 -17.96 11.20
N ILE E 184 -41.17 -17.35 12.23
CA ILE E 184 -40.65 -18.06 13.38
C ILE E 184 -41.76 -18.89 14.01
N PRO E 185 -42.95 -18.29 14.23
CA PRO E 185 -44.03 -19.12 14.76
C PRO E 185 -44.33 -20.31 13.87
N ASP E 186 -44.36 -20.12 12.55
CA ASP E 186 -44.71 -21.25 11.70
C ASP E 186 -43.59 -22.28 11.65
N ALA E 187 -42.33 -21.83 11.72
CA ALA E 187 -41.23 -22.77 11.92
C ALA E 187 -41.38 -23.60 13.20
N GLU E 188 -41.53 -22.96 14.35
CA GLU E 188 -41.66 -23.71 15.59
C GLU E 188 -42.77 -24.74 15.44
N SER E 189 -43.84 -24.30 14.83
CA SER E 189 -45.02 -25.10 14.60
C SER E 189 -44.68 -26.31 13.73
N ASP E 190 -43.91 -26.07 12.69
CA ASP E 190 -43.47 -27.18 11.87
C ASP E 190 -42.58 -28.12 12.65
N ILE E 191 -41.82 -27.61 13.60
CA ILE E 191 -40.88 -28.43 14.32
C ILE E 191 -41.62 -29.46 15.16
N ARG E 192 -42.67 -28.95 15.80
CA ARG E 192 -43.65 -29.68 16.60
C ARG E 192 -44.40 -30.79 15.82
N ARG E 193 -44.91 -30.46 14.64
CA ARG E 193 -45.54 -31.46 13.80
C ARG E 193 -44.50 -32.55 13.48
N ALA E 194 -43.31 -32.13 13.06
CA ALA E 194 -42.20 -33.02 12.77
C ALA E 194 -41.89 -33.91 13.95
N CYS E 195 -41.77 -33.35 15.14
CA CYS E 195 -41.59 -34.15 16.32
C CYS E 195 -42.68 -35.21 16.56
N ASP E 196 -43.94 -34.84 16.40
CA ASP E 196 -45.03 -35.75 16.74
C ASP E 196 -45.03 -36.98 15.85
N LEU E 197 -44.55 -36.76 14.62
CA LEU E 197 -44.71 -37.64 13.51
C LEU E 197 -43.50 -38.51 13.39
N LEU E 198 -42.34 -37.88 13.35
CA LEU E 198 -41.13 -38.64 13.22
C LEU E 198 -40.81 -39.51 14.44
N LEU E 199 -41.38 -39.15 15.59
CA LEU E 199 -41.03 -39.78 16.84
C LEU E 199 -42.24 -40.51 17.37
N VAL E 200 -43.20 -40.73 16.49
CA VAL E 200 -44.43 -41.45 16.86
C VAL E 200 -44.12 -42.75 17.60
N ASN E 201 -42.98 -43.36 17.28
CA ASN E 201 -42.55 -44.62 17.91
C ASN E 201 -41.35 -44.58 18.86
N LEU E 202 -40.78 -43.40 19.17
CA LEU E 202 -39.81 -43.30 20.26
C LEU E 202 -40.26 -44.21 21.42
N SER E 203 -39.33 -45.06 21.85
CA SER E 203 -39.53 -45.99 22.94
C SER E 203 -39.54 -45.27 24.30
N HIS E 204 -40.27 -45.85 25.27
CA HIS E 204 -40.40 -45.33 26.66
C HIS E 204 -39.14 -44.70 27.28
N GLU F 18 -42.37 -14.72 -28.15
CA GLU F 18 -41.39 -15.75 -28.59
C GLU F 18 -39.97 -15.18 -28.48
N GLU F 19 -39.68 -14.23 -29.39
CA GLU F 19 -38.39 -13.53 -29.53
C GLU F 19 -37.39 -13.64 -28.36
N GLN F 20 -37.62 -12.81 -27.33
CA GLN F 20 -36.67 -12.65 -26.21
C GLN F 20 -36.51 -13.87 -25.30
N ARG F 21 -37.56 -14.69 -25.18
CA ARG F 21 -37.52 -15.92 -24.36
C ARG F 21 -36.61 -17.00 -24.97
N ALA F 22 -36.10 -16.69 -26.17
CA ALA F 22 -35.06 -17.46 -26.81
C ALA F 22 -33.75 -17.38 -26.02
N ARG F 23 -33.20 -16.17 -25.88
CA ARG F 23 -31.95 -15.92 -25.13
C ARG F 23 -31.98 -16.55 -23.73
N HIS F 24 -33.12 -16.45 -23.07
CA HIS F 24 -33.34 -17.07 -21.75
C HIS F 24 -32.97 -18.55 -21.74
N VAL F 25 -33.50 -19.30 -22.70
CA VAL F 25 -33.29 -20.75 -22.80
C VAL F 25 -31.80 -21.13 -22.86
N ARG F 26 -31.03 -20.39 -23.67
CA ARG F 26 -29.59 -20.59 -23.78
C ARG F 26 -28.87 -20.23 -22.48
N MSE F 27 -29.31 -19.14 -21.84
CA MSE F 27 -28.73 -18.70 -20.56
C MSE F 27 -28.83 -19.79 -19.49
O MSE F 27 -27.88 -20.06 -18.75
CB MSE F 27 -29.37 -17.39 -20.08
CG MSE F 27 -28.86 -16.15 -20.77
SE MSE F 27 -29.66 -14.42 -20.23
CE MSE F 27 -31.53 -14.93 -20.12
N LEU F 28 -29.98 -20.46 -19.40
CA LEU F 28 -30.12 -21.57 -18.50
C LEU F 28 -29.26 -22.71 -18.99
N GLU F 29 -29.28 -22.94 -20.31
CA GLU F 29 -28.58 -24.07 -20.96
C GLU F 29 -27.08 -24.06 -20.70
N ALA F 30 -26.47 -22.90 -20.92
CA ALA F 30 -25.08 -22.60 -20.64
C ALA F 30 -24.74 -22.85 -19.18
N ALA F 31 -25.54 -22.27 -18.28
CA ALA F 31 -25.36 -22.46 -16.85
C ALA F 31 -25.37 -23.97 -16.50
N ILE F 32 -26.35 -24.70 -17.01
CA ILE F 32 -26.40 -26.14 -16.77
C ILE F 32 -25.10 -26.80 -17.19
N GLU F 33 -24.63 -26.46 -18.39
CA GLU F 33 -23.39 -27.01 -18.93
C GLU F 33 -22.18 -26.70 -18.05
N LEU F 34 -21.84 -25.41 -17.96
CA LEU F 34 -20.72 -24.92 -17.14
C LEU F 34 -20.66 -25.52 -15.74
N ALA F 35 -21.82 -25.63 -15.09
CA ALA F 35 -21.88 -26.23 -13.76
C ALA F 35 -21.61 -27.72 -13.81
N THR F 36 -21.84 -28.35 -14.95
CA THR F 36 -21.48 -29.76 -15.01
C THR F 36 -19.99 -29.98 -15.30
N GLU F 37 -19.35 -28.99 -15.94
CA GLU F 37 -17.88 -28.95 -16.08
C GLU F 37 -17.17 -28.62 -14.76
N LYS F 38 -17.58 -27.53 -14.10
CA LYS F 38 -16.87 -27.01 -12.93
C LYS F 38 -17.71 -27.01 -11.64
N GLU F 39 -17.03 -26.73 -10.52
CA GLU F 39 -17.68 -26.48 -9.26
C GLU F 39 -18.38 -25.11 -9.32
N LEU F 40 -19.37 -24.94 -8.47
CA LEU F 40 -20.14 -23.73 -8.42
C LEU F 40 -19.19 -22.57 -8.25
N ALA F 41 -18.34 -22.68 -7.23
CA ALA F 41 -17.40 -21.62 -6.90
C ALA F 41 -16.51 -21.27 -8.10
N ARG F 42 -16.19 -22.27 -8.93
CA ARG F 42 -15.36 -22.09 -10.14
C ARG F 42 -16.06 -21.50 -11.40
N VAL F 43 -17.40 -21.44 -11.44
CA VAL F 43 -18.08 -20.92 -12.65
C VAL F 43 -18.18 -19.39 -12.69
N GLN F 44 -17.53 -18.78 -13.67
CA GLN F 44 -17.57 -17.31 -13.83
C GLN F 44 -18.84 -16.88 -14.56
N MSE F 45 -19.49 -15.83 -14.05
CA MSE F 45 -20.59 -15.22 -14.77
C MSE F 45 -20.17 -14.85 -16.19
O MSE F 45 -20.89 -15.14 -17.15
CB MSE F 45 -21.09 -14.00 -14.00
CG MSE F 45 -21.79 -14.36 -12.71
SE MSE F 45 -23.44 -15.35 -13.06
CE MSE F 45 -24.66 -13.84 -13.10
N HIS F 46 -18.99 -14.24 -16.33
CA HIS F 46 -18.48 -13.87 -17.66
C HIS F 46 -18.36 -15.07 -18.58
N GLU F 47 -18.23 -16.27 -18.04
CA GLU F 47 -18.10 -17.46 -18.86
C GLU F 47 -19.44 -18.03 -19.28
N VAL F 48 -20.39 -18.01 -18.37
CA VAL F 48 -21.77 -18.37 -18.70
C VAL F 48 -22.29 -17.54 -19.87
N ALA F 49 -22.10 -16.23 -19.78
CA ALA F 49 -22.58 -15.26 -20.75
C ALA F 49 -21.85 -15.36 -22.09
N LYS F 50 -20.84 -16.21 -22.14
CA LYS F 50 -20.13 -16.37 -23.38
C LYS F 50 -20.71 -17.61 -24.06
N ARG F 51 -20.84 -18.69 -23.30
CA ARG F 51 -21.43 -19.93 -23.81
C ARG F 51 -22.89 -19.65 -24.21
N ALA F 52 -23.58 -18.82 -23.42
CA ALA F 52 -24.93 -18.38 -23.77
C ALA F 52 -24.94 -17.41 -24.94
N GLY F 53 -23.82 -16.73 -25.16
CA GLY F 53 -23.65 -15.90 -26.35
C GLY F 53 -24.40 -14.61 -26.15
N VAL F 54 -24.13 -13.95 -25.02
CA VAL F 54 -24.80 -12.69 -24.70
C VAL F 54 -23.87 -11.67 -24.07
N ALA F 55 -24.32 -10.42 -24.02
CA ALA F 55 -23.60 -9.39 -23.29
C ALA F 55 -23.63 -9.74 -21.80
N ILE F 56 -22.54 -9.42 -21.10
CA ILE F 56 -22.50 -9.71 -19.66
C ILE F 56 -23.61 -8.91 -18.95
N GLY F 57 -23.84 -7.71 -19.46
CA GLY F 57 -24.96 -6.86 -19.05
C GLY F 57 -26.30 -7.57 -19.15
N THR F 58 -26.53 -8.27 -20.25
CA THR F 58 -27.76 -9.03 -20.45
C THR F 58 -27.86 -10.15 -19.44
N LEU F 59 -26.72 -10.76 -19.12
CA LEU F 59 -26.74 -11.85 -18.17
C LEU F 59 -27.15 -11.37 -16.77
N TYR F 60 -26.60 -10.22 -16.36
CA TYR F 60 -26.83 -9.71 -15.02
C TYR F 60 -28.21 -9.09 -14.92
N ARG F 61 -28.67 -8.54 -16.04
CA ARG F 61 -30.02 -7.98 -16.10
C ARG F 61 -31.05 -9.07 -15.84
N TYR F 62 -30.84 -10.27 -16.38
CA TYR F 62 -31.78 -11.35 -16.14
C TYR F 62 -31.44 -12.09 -14.86
N PHE F 63 -30.15 -12.16 -14.51
CA PHE F 63 -29.62 -12.91 -13.33
C PHE F 63 -28.54 -12.12 -12.57
N PRO F 64 -28.93 -11.25 -11.64
CA PRO F 64 -27.99 -10.37 -10.92
C PRO F 64 -26.80 -11.04 -10.22
N SER F 65 -26.85 -12.33 -9.91
CA SER F 65 -25.75 -13.01 -9.22
C SER F 65 -25.75 -14.47 -9.58
N LYS F 66 -24.66 -15.16 -9.27
CA LYS F 66 -24.59 -16.60 -9.47
C LYS F 66 -25.79 -17.33 -8.81
N THR F 67 -26.04 -17.06 -7.53
CA THR F 67 -27.20 -17.64 -6.85
C THR F 67 -28.53 -17.37 -7.60
N HIS F 68 -28.72 -16.19 -8.17
CA HIS F 68 -29.92 -15.94 -8.98
C HIS F 68 -30.03 -16.93 -10.12
N LEU F 69 -28.97 -16.98 -10.91
CA LEU F 69 -28.89 -17.86 -12.04
C LEU F 69 -29.27 -19.28 -11.65
N PHE F 70 -28.62 -19.84 -10.63
CA PHE F 70 -28.81 -21.29 -10.35
C PHE F 70 -30.11 -21.65 -9.69
N VAL F 71 -30.68 -20.71 -8.96
CA VAL F 71 -32.01 -20.90 -8.41
C VAL F 71 -32.98 -20.93 -9.56
N ALA F 72 -32.77 -20.08 -10.58
CA ALA F 72 -33.56 -20.16 -11.83
C ALA F 72 -33.39 -21.51 -12.56
N VAL F 73 -32.15 -21.97 -12.71
CA VAL F 73 -31.89 -23.32 -13.19
C VAL F 73 -32.66 -24.30 -12.29
N MSE F 74 -32.48 -24.22 -10.99
CA MSE F 74 -33.22 -25.12 -10.11
C MSE F 74 -34.71 -25.13 -10.46
O MSE F 74 -35.28 -26.19 -10.65
CB MSE F 74 -33.01 -24.75 -8.64
CG MSE F 74 -33.90 -25.44 -7.66
SE MSE F 74 -33.05 -27.00 -6.82
CE MSE F 74 -33.16 -28.27 -8.31
N VAL F 75 -35.35 -23.96 -10.54
CA VAL F 75 -36.78 -23.90 -10.77
C VAL F 75 -37.09 -24.61 -12.07
N ASP F 76 -36.39 -24.20 -13.11
CA ASP F 76 -36.53 -24.77 -14.44
C ASP F 76 -36.45 -26.29 -14.48
N GLN F 77 -35.75 -26.87 -13.50
CA GLN F 77 -35.51 -28.32 -13.45
C GLN F 77 -36.54 -29.05 -12.58
N ILE F 78 -36.92 -28.48 -11.43
CA ILE F 78 -38.00 -29.05 -10.63
C ILE F 78 -39.24 -29.13 -11.52
N ASP F 79 -39.44 -28.10 -12.32
CA ASP F 79 -40.51 -28.02 -13.32
C ASP F 79 -40.52 -29.31 -14.13
N ARG F 80 -39.36 -29.71 -14.63
CA ARG F 80 -39.25 -30.90 -15.47
C ARG F 80 -39.16 -32.24 -14.72
N MSE F 81 -39.28 -32.20 -13.39
CA MSE F 81 -39.39 -33.42 -12.57
C MSE F 81 -40.74 -34.05 -12.88
O MSE F 81 -40.91 -35.27 -12.81
CB MSE F 81 -39.31 -33.14 -11.06
CG MSE F 81 -37.91 -32.93 -10.52
SE MSE F 81 -37.78 -32.44 -8.58
CE MSE F 81 -35.92 -31.76 -8.66
N GLY F 82 -41.68 -33.17 -13.19
CA GLY F 82 -43.06 -33.53 -13.47
C GLY F 82 -43.25 -33.91 -14.92
N VAL F 83 -42.67 -35.05 -15.29
CA VAL F 83 -43.03 -35.72 -16.53
C VAL F 83 -44.29 -36.53 -16.20
N GLY F 84 -44.38 -37.00 -14.95
CA GLY F 84 -45.54 -37.73 -14.45
C GLY F 84 -46.56 -36.80 -13.83
N PRO F 90 -51.26 -47.70 -11.02
CA PRO F 90 -50.67 -48.94 -10.50
C PRO F 90 -51.36 -49.37 -9.21
N PRO F 91 -51.82 -50.64 -9.13
CA PRO F 91 -52.49 -51.05 -7.88
C PRO F 91 -51.54 -51.52 -6.79
N GLY F 92 -51.91 -51.22 -5.53
CA GLY F 92 -51.05 -51.50 -4.39
C GLY F 92 -50.31 -50.26 -3.93
N GLU F 93 -50.07 -49.33 -4.85
CA GLU F 93 -49.38 -48.14 -4.44
C GLU F 93 -50.35 -47.18 -3.73
N SER F 94 -50.19 -47.11 -2.40
CA SER F 94 -50.73 -46.02 -1.59
C SER F 94 -50.17 -44.68 -2.08
N PRO F 95 -50.96 -43.59 -1.91
CA PRO F 95 -50.43 -42.23 -1.98
C PRO F 95 -48.99 -42.07 -1.47
N GLN F 96 -48.64 -42.70 -0.34
CA GLN F 96 -47.26 -42.67 0.19
C GLN F 96 -46.22 -43.24 -0.77
N ASP F 97 -46.55 -44.37 -1.41
CA ASP F 97 -45.69 -45.01 -2.40
C ASP F 97 -45.59 -44.16 -3.64
N ALA F 98 -46.73 -43.62 -4.12
CA ALA F 98 -46.73 -42.67 -5.23
C ALA F 98 -45.66 -41.60 -4.99
N VAL F 99 -45.79 -40.92 -3.85
CA VAL F 99 -44.86 -39.90 -3.48
C VAL F 99 -43.48 -40.49 -3.29
N TYR F 100 -43.32 -41.61 -2.60
CA TYR F 100 -41.94 -42.12 -2.43
C TYR F 100 -41.30 -42.39 -3.80
N ASN F 101 -42.02 -43.10 -4.67
CA ASN F 101 -41.49 -43.42 -5.98
C ASN F 101 -41.04 -42.14 -6.68
N VAL F 102 -41.90 -41.12 -6.70
CA VAL F 102 -41.58 -39.88 -7.41
C VAL F 102 -40.38 -39.16 -6.79
N LEU F 103 -40.25 -39.23 -5.47
CA LEU F 103 -39.02 -38.80 -4.81
C LEU F 103 -37.77 -39.59 -5.23
N VAL F 104 -37.88 -40.91 -5.43
CA VAL F 104 -36.62 -41.59 -5.72
C VAL F 104 -36.16 -41.43 -7.15
N ARG F 105 -37.12 -41.40 -8.07
CA ARG F 105 -36.87 -40.94 -9.44
C ARG F 105 -36.06 -39.60 -9.43
N ALA F 106 -36.62 -38.57 -8.77
CA ALA F 106 -35.94 -37.27 -8.66
C ALA F 106 -34.58 -37.35 -7.98
N THR F 107 -34.46 -38.10 -6.88
CA THR F 107 -33.15 -38.30 -6.22
C THR F 107 -32.08 -38.92 -7.14
N ARG F 108 -32.47 -39.96 -7.90
CA ARG F 108 -31.53 -40.67 -8.71
C ARG F 108 -31.15 -39.75 -9.82
N GLY F 109 -32.12 -39.03 -10.36
CA GLY F 109 -31.80 -38.03 -11.37
C GLY F 109 -30.82 -36.95 -10.90
N LEU F 110 -31.03 -36.45 -9.70
CA LEU F 110 -30.13 -35.44 -9.21
C LEU F 110 -28.77 -36.00 -8.99
N LEU F 111 -28.70 -37.18 -8.38
CA LEU F 111 -27.40 -37.79 -8.11
C LEU F 111 -26.64 -38.29 -9.33
N ARG F 112 -27.23 -38.28 -10.53
CA ARG F 112 -26.51 -38.71 -11.73
C ARG F 112 -25.68 -37.55 -12.19
N ARG F 113 -25.89 -36.41 -11.54
CA ARG F 113 -25.31 -35.14 -11.92
C ARG F 113 -24.89 -34.31 -10.71
N PRO F 114 -23.96 -34.84 -9.89
CA PRO F 114 -23.57 -34.24 -8.63
C PRO F 114 -23.13 -32.81 -8.74
N ALA F 115 -22.23 -32.46 -9.64
CA ALA F 115 -21.86 -31.06 -9.69
C ALA F 115 -23.06 -30.20 -10.01
N LEU F 116 -23.84 -30.56 -11.01
CA LEU F 116 -24.98 -29.71 -11.39
C LEU F 116 -25.98 -29.62 -10.27
N SER F 117 -26.22 -30.76 -9.57
CA SER F 117 -27.15 -30.73 -8.42
C SER F 117 -26.52 -30.06 -7.19
N THR F 118 -25.20 -30.14 -7.02
CA THR F 118 -24.61 -29.42 -5.89
C THR F 118 -24.88 -27.95 -6.14
N ALA F 119 -24.71 -27.50 -7.37
CA ALA F 119 -24.86 -26.11 -7.62
C ALA F 119 -26.32 -25.64 -7.49
N MSE F 120 -27.30 -26.41 -7.93
CA MSE F 120 -28.64 -25.89 -7.84
C MSE F 120 -29.05 -25.96 -6.41
O MSE F 120 -29.65 -25.04 -5.95
CB MSE F 120 -29.64 -26.59 -8.72
CG MSE F 120 -29.31 -26.70 -10.21
SE MSE F 120 -30.60 -28.01 -11.05
CE MSE F 120 -30.36 -29.54 -9.90
N ILE F 121 -28.71 -27.06 -5.70
CA ILE F 121 -29.16 -27.26 -4.33
C ILE F 121 -28.48 -26.28 -3.37
N GLN F 122 -27.23 -25.98 -3.62
CA GLN F 122 -26.54 -25.11 -2.74
C GLN F 122 -27.08 -23.70 -2.95
N SER F 123 -27.12 -23.24 -4.19
CA SER F 123 -27.68 -21.95 -4.46
C SER F 123 -29.08 -21.73 -3.85
N THR F 124 -29.97 -22.69 -3.98
CA THR F 124 -31.29 -22.46 -3.43
C THR F 124 -31.36 -22.55 -1.90
N SER F 125 -30.42 -23.26 -1.28
CA SER F 125 -30.44 -23.35 0.17
C SER F 125 -29.78 -22.13 0.81
N THR F 126 -28.90 -21.41 0.12
CA THR F 126 -28.41 -20.22 0.75
C THR F 126 -29.26 -18.99 0.38
N ALA F 127 -30.34 -19.16 -0.39
CA ALA F 127 -31.03 -18.00 -1.04
C ALA F 127 -32.08 -17.24 -0.19
N ASN F 128 -31.69 -16.08 0.30
CA ASN F 128 -32.64 -15.26 1.02
C ASN F 128 -33.74 -14.83 0.09
N VAL F 129 -34.95 -15.17 0.48
CA VAL F 129 -36.07 -15.05 -0.40
C VAL F 129 -36.39 -13.62 -0.73
N ALA F 130 -35.61 -12.69 -0.16
CA ALA F 130 -35.77 -11.26 -0.42
C ALA F 130 -34.77 -10.74 -1.41
N SER F 131 -33.63 -11.40 -1.49
CA SER F 131 -32.62 -10.94 -2.43
C SER F 131 -32.57 -11.84 -3.65
N VAL F 132 -33.16 -13.03 -3.54
CA VAL F 132 -33.54 -13.78 -4.73
C VAL F 132 -35.03 -14.19 -4.68
N PRO F 133 -35.91 -13.39 -5.31
CA PRO F 133 -37.31 -13.79 -5.20
C PRO F 133 -37.70 -15.11 -5.93
N ASP F 134 -36.91 -15.56 -6.91
CA ASP F 134 -37.25 -16.82 -7.59
C ASP F 134 -37.25 -17.92 -6.56
N ALA F 135 -36.45 -17.75 -5.51
CA ALA F 135 -36.30 -18.74 -4.45
C ALA F 135 -37.59 -19.05 -3.72
N GLY F 136 -38.57 -18.14 -3.82
CA GLY F 136 -39.92 -18.36 -3.29
C GLY F 136 -40.46 -19.54 -4.05
N LYS F 137 -40.64 -19.34 -5.34
CA LYS F 137 -41.21 -20.35 -6.25
C LYS F 137 -40.62 -21.74 -6.19
N VAL F 138 -39.61 -21.94 -5.35
CA VAL F 138 -39.00 -23.26 -5.23
C VAL F 138 -39.98 -24.23 -4.58
N ASP F 139 -40.59 -23.78 -3.49
CA ASP F 139 -41.46 -24.61 -2.66
C ASP F 139 -42.73 -24.91 -3.42
N ARG F 140 -43.49 -23.88 -3.77
CA ARG F 140 -44.65 -24.00 -4.68
C ARG F 140 -44.41 -25.05 -5.78
N ALA F 141 -43.28 -24.93 -6.45
CA ALA F 141 -42.91 -25.85 -7.50
C ALA F 141 -42.90 -27.28 -6.97
N PHE F 142 -41.86 -27.65 -6.20
CA PHE F 142 -41.76 -28.97 -5.54
C PHE F 142 -43.10 -29.53 -5.06
N ARG F 143 -43.87 -28.66 -4.42
CA ARG F 143 -45.14 -29.03 -3.85
C ARG F 143 -45.99 -29.62 -4.97
N GLN F 144 -46.32 -28.82 -5.97
CA GLN F 144 -47.23 -29.27 -7.00
C GLN F 144 -46.84 -30.65 -7.55
N ILE F 145 -45.55 -30.94 -7.61
CA ILE F 145 -45.11 -32.27 -8.04
C ILE F 145 -45.62 -33.37 -7.10
N MSE F 146 -45.53 -33.13 -5.79
CA MSE F 146 -46.05 -34.02 -4.75
C MSE F 146 -47.55 -34.33 -4.93
O MSE F 146 -47.99 -35.48 -4.80
CB MSE F 146 -45.86 -33.41 -3.36
CG MSE F 146 -44.51 -32.83 -3.08
SE MSE F 146 -43.19 -34.24 -2.83
CE MSE F 146 -42.75 -34.67 -4.67
N LEU F 147 -48.33 -33.27 -5.18
CA LEU F 147 -49.77 -33.39 -5.33
C LEU F 147 -50.09 -34.25 -6.55
N ASP F 148 -49.55 -33.85 -7.71
CA ASP F 148 -49.70 -34.62 -8.94
C ASP F 148 -49.30 -36.08 -8.69
N ALA F 149 -48.16 -36.30 -8.03
CA ALA F 149 -47.71 -37.65 -7.65
C ALA F 149 -48.75 -38.47 -6.85
N ALA F 150 -49.28 -37.90 -5.77
CA ALA F 150 -50.19 -38.59 -4.85
C ALA F 150 -51.61 -38.60 -5.41
N GLY F 151 -51.90 -37.59 -6.23
CA GLY F 151 -53.16 -37.51 -6.91
C GLY F 151 -54.23 -37.02 -5.97
N ILE F 152 -53.90 -36.11 -5.07
CA ILE F 152 -54.99 -35.42 -4.38
C ILE F 152 -55.28 -34.14 -5.13
N GLU F 153 -56.54 -34.00 -5.48
CA GLU F 153 -57.07 -32.81 -6.14
C GLU F 153 -57.28 -31.70 -5.12
N HIS F 154 -57.86 -32.06 -3.96
CA HIS F 154 -58.20 -31.13 -2.88
C HIS F 154 -57.47 -31.39 -1.56
N PRO F 155 -56.17 -31.01 -1.46
CA PRO F 155 -55.36 -31.21 -0.24
C PRO F 155 -55.95 -30.52 1.00
N THR F 156 -55.78 -31.12 2.17
CA THR F 156 -56.10 -30.44 3.42
C THR F 156 -54.83 -29.75 3.92
N GLU F 157 -54.97 -28.79 4.83
CA GLU F 157 -53.85 -28.06 5.39
C GLU F 157 -52.85 -29.04 6.02
N GLU F 158 -53.33 -30.20 6.47
CA GLU F 158 -52.42 -31.19 7.09
C GLU F 158 -51.70 -32.09 6.07
N ASP F 159 -52.38 -32.31 4.93
CA ASP F 159 -51.74 -32.83 3.75
C ASP F 159 -50.61 -31.87 3.32
N LEU F 160 -50.93 -30.58 3.21
CA LEU F 160 -49.91 -29.61 2.81
C LEU F 160 -48.73 -29.64 3.74
N THR F 161 -48.99 -29.67 5.04
CA THR F 161 -47.94 -29.60 6.07
C THR F 161 -46.97 -30.76 5.97
N ALA F 162 -47.53 -31.96 5.90
CA ALA F 162 -46.74 -33.17 5.72
C ALA F 162 -45.89 -33.10 4.44
N LEU F 163 -46.50 -32.69 3.32
CA LEU F 163 -45.78 -32.62 2.06
C LEU F 163 -44.71 -31.55 2.15
N ARG F 164 -44.98 -30.48 2.87
CA ARG F 164 -43.95 -29.44 3.12
C ARG F 164 -42.83 -30.00 4.00
N LEU F 165 -43.18 -30.70 5.07
CA LEU F 165 -42.12 -31.22 5.88
C LEU F 165 -41.28 -32.18 5.05
N LEU F 166 -41.94 -32.99 4.23
CA LEU F 166 -41.28 -34.03 3.46
C LEU F 166 -40.25 -33.51 2.48
N VAL F 167 -40.58 -32.46 1.71
CA VAL F 167 -39.60 -31.92 0.79
C VAL F 167 -38.51 -31.20 1.53
N GLN F 168 -38.79 -30.68 2.71
CA GLN F 168 -37.73 -29.99 3.41
C GLN F 168 -36.79 -31.03 3.93
N LEU F 169 -37.32 -32.12 4.50
CA LEU F 169 -36.51 -33.26 4.87
C LEU F 169 -35.71 -33.89 3.71
N TRP F 170 -36.35 -34.07 2.57
CA TRP F 170 -35.67 -34.66 1.41
C TRP F 170 -34.50 -33.80 0.88
N PHE F 171 -34.70 -32.51 0.93
CA PHE F 171 -33.71 -31.55 0.51
C PHE F 171 -32.39 -31.63 1.33
N GLY F 172 -32.52 -31.70 2.65
CA GLY F 172 -31.42 -32.07 3.53
C GLY F 172 -30.77 -33.39 3.15
N VAL F 173 -31.53 -34.48 2.98
CA VAL F 173 -30.99 -35.75 2.54
C VAL F 173 -30.18 -35.68 1.21
N ILE F 174 -30.78 -35.14 0.15
CA ILE F 174 -30.04 -35.03 -1.12
C ILE F 174 -28.74 -34.28 -0.84
N GLN F 175 -28.86 -33.20 -0.10
CA GLN F 175 -27.70 -32.37 0.17
C GLN F 175 -26.64 -33.06 1.03
N SER F 176 -27.06 -33.74 2.08
CA SER F 176 -26.15 -34.55 2.81
C SER F 176 -25.43 -35.57 1.91
N CYS F 177 -26.16 -36.07 0.91
CA CYS F 177 -25.64 -37.12 0.08
C CYS F 177 -24.59 -36.59 -0.85
N LEU F 178 -24.86 -35.46 -1.52
CA LEU F 178 -23.89 -34.82 -2.39
C LEU F 178 -22.68 -34.33 -1.64
N ASN F 179 -22.83 -34.17 -0.33
CA ASN F 179 -21.72 -33.79 0.53
C ASN F 179 -20.86 -34.92 1.09
N GLY F 180 -21.22 -36.16 0.80
CA GLY F 180 -20.36 -37.24 1.18
C GLY F 180 -20.78 -37.91 2.48
N ARG F 181 -21.88 -37.40 3.09
CA ARG F 181 -22.19 -37.66 4.50
C ARG F 181 -23.05 -38.89 4.68
N VAL F 182 -23.65 -39.34 3.59
CA VAL F 182 -24.46 -40.58 3.63
C VAL F 182 -24.35 -41.24 2.25
N SER F 183 -24.47 -42.55 2.21
CA SER F 183 -24.43 -43.22 0.91
C SER F 183 -25.77 -43.09 0.14
N ILE F 184 -25.74 -43.43 -1.17
CA ILE F 184 -26.97 -43.40 -1.94
C ILE F 184 -27.98 -44.44 -1.43
N PRO F 185 -27.54 -45.69 -1.29
CA PRO F 185 -28.52 -46.63 -0.69
C PRO F 185 -29.07 -46.12 0.65
N ASP F 186 -28.23 -45.57 1.52
CA ASP F 186 -28.78 -45.05 2.80
C ASP F 186 -29.66 -43.82 2.62
N ALA F 187 -29.31 -42.95 1.66
CA ALA F 187 -30.17 -41.79 1.40
C ALA F 187 -31.60 -42.19 1.01
N GLU F 188 -31.72 -43.20 0.15
CA GLU F 188 -33.03 -43.60 -0.32
C GLU F 188 -33.85 -44.28 0.77
N SER F 189 -33.16 -45.07 1.57
CA SER F 189 -33.87 -45.71 2.63
C SER F 189 -34.26 -44.60 3.68
N ASP F 190 -33.57 -43.47 3.68
CA ASP F 190 -33.96 -42.40 4.56
C ASP F 190 -35.20 -41.74 4.01
N ILE F 191 -35.26 -41.55 2.69
CA ILE F 191 -36.48 -41.02 2.09
C ILE F 191 -37.66 -41.98 2.24
N ARG F 192 -37.39 -43.28 2.17
CA ARG F 192 -38.43 -44.28 2.33
C ARG F 192 -39.04 -44.05 3.70
N ARG F 193 -38.16 -43.96 4.69
CA ARG F 193 -38.58 -43.97 6.04
C ARG F 193 -39.25 -42.67 6.42
N ALA F 194 -38.85 -41.58 5.79
CA ALA F 194 -39.48 -40.27 6.02
C ALA F 194 -40.90 -40.18 5.46
N CYS F 195 -41.12 -40.75 4.27
CA CYS F 195 -42.46 -40.83 3.66
C CYS F 195 -43.42 -41.62 4.54
N ASP F 196 -42.90 -42.71 5.12
CA ASP F 196 -43.68 -43.61 5.95
C ASP F 196 -44.30 -42.92 7.17
N LEU F 197 -43.45 -42.15 7.88
CA LEU F 197 -43.80 -41.52 9.16
C LEU F 197 -44.53 -40.23 8.94
N LEU F 198 -43.99 -39.41 8.05
CA LEU F 198 -44.55 -38.11 7.70
C LEU F 198 -45.88 -38.17 6.98
N LEU F 199 -46.10 -39.17 6.12
CA LEU F 199 -47.34 -39.20 5.36
C LEU F 199 -48.46 -40.10 5.90
N VAL F 200 -48.30 -40.60 7.11
CA VAL F 200 -49.25 -41.57 7.68
C VAL F 200 -50.69 -41.20 7.49
N ASN F 201 -50.96 -39.90 7.44
CA ASN F 201 -52.33 -39.45 7.33
C ASN F 201 -52.67 -38.83 5.97
N LEU F 202 -51.77 -38.95 4.99
CA LEU F 202 -52.06 -38.48 3.64
C LEU F 202 -53.39 -39.06 3.15
N SER F 203 -54.31 -38.19 2.80
CA SER F 203 -55.74 -38.55 2.79
C SER F 203 -56.27 -39.53 1.71
N HIS F 204 -55.48 -39.77 0.65
CA HIS F 204 -55.93 -40.53 -0.56
C HIS F 204 -57.36 -40.19 -1.08
S SO4 G . 45.30 31.30 15.93
O1 SO4 G . 46.20 30.75 14.92
O2 SO4 G . 45.75 30.88 17.25
O3 SO4 G . 45.30 32.76 15.83
O4 SO4 G . 43.94 30.80 15.69
S SO4 H . 36.62 -2.19 10.88
O1 SO4 H . 37.97 -1.69 11.17
O2 SO4 H . 35.60 -1.37 11.55
O3 SO4 H . 36.43 -2.22 9.42
O4 SO4 H . 36.44 -3.50 11.47
S SO4 I . 43.63 0.87 6.29
O1 SO4 I . 44.40 0.92 7.53
O2 SO4 I . 42.29 1.36 6.59
O3 SO4 I . 44.25 1.69 5.24
O4 SO4 I . 43.51 -0.50 5.81
S SO4 J . 45.53 2.63 -5.19
O1 SO4 J . 44.97 2.09 -3.94
O2 SO4 J . 44.49 3.31 -5.97
O3 SO4 J . 46.57 3.61 -4.86
O4 SO4 J . 46.09 1.54 -5.99
S SO4 K . 10.60 57.85 1.65
O1 SO4 K . 11.11 59.11 2.19
O2 SO4 K . 9.43 58.02 0.78
O3 SO4 K . 11.71 57.29 0.87
O4 SO4 K . 10.12 57.03 2.77
S SO4 L . 12.63 17.16 0.81
O1 SO4 L . 13.85 17.75 1.35
O2 SO4 L . 11.79 18.22 0.25
O3 SO4 L . 12.96 16.17 -0.23
O4 SO4 L . 11.93 16.46 1.89
S SO4 M . 19.23 54.48 -7.35
O1 SO4 M . 19.70 53.65 -6.23
O2 SO4 M . 19.55 55.89 -7.08
O3 SO4 M . 19.97 54.07 -8.55
O4 SO4 M . 17.78 54.29 -7.54
S SO4 N . 18.05 44.85 24.75
O1 SO4 N . 18.37 43.43 24.67
O2 SO4 N . 18.49 45.36 26.04
O3 SO4 N . 18.76 45.56 23.67
O4 SO4 N . 16.59 45.00 24.64
S SO4 O . -7.41 -3.19 10.52
O1 SO4 O . -6.48 -2.38 11.33
O2 SO4 O . -8.26 -2.31 9.68
O3 SO4 O . -6.64 -4.12 9.68
O4 SO4 O . -8.16 -3.91 11.57
S SO4 P . 30.35 -6.92 16.74
O1 SO4 P . 30.66 -7.89 15.71
O2 SO4 P . 31.37 -7.03 17.78
O3 SO4 P . 30.43 -5.57 16.17
O4 SO4 P . 29.01 -7.21 17.27
S SO4 Q . 22.99 2.42 -1.56
O1 SO4 Q . 24.13 2.71 -0.70
O2 SO4 Q . 22.22 3.67 -1.69
O3 SO4 Q . 23.46 1.92 -2.87
O4 SO4 Q . 22.16 1.37 -0.99
S SO4 R . 3.77 -28.61 8.78
O1 SO4 R . 5.09 -28.94 8.22
O2 SO4 R . 3.51 -29.36 10.00
O3 SO4 R . 3.75 -27.20 9.14
O4 SO4 R . 2.75 -28.94 7.79
S SO4 S . -8.59 -21.60 1.06
O1 SO4 S . -7.40 -22.47 1.25
O2 SO4 S . -8.72 -20.65 2.18
O3 SO4 S . -8.42 -20.82 -0.18
O4 SO4 S . -9.86 -22.36 1.02
S SO4 T . -1.43 -3.13 10.95
O1 SO4 T . -0.47 -4.11 11.45
O2 SO4 T . -2.28 -2.65 12.05
O3 SO4 T . -0.72 -1.96 10.42
O4 SO4 T . -2.23 -3.78 9.88
S SO4 U . -4.04 -9.60 21.03
O1 SO4 U . -3.56 -8.66 22.05
O2 SO4 U . -5.50 -9.62 21.08
O3 SO4 U . -3.58 -9.14 19.71
O4 SO4 U . -3.52 -10.95 21.32
S SO4 V . -43.63 -20.65 25.31
O1 SO4 V . -43.03 -19.61 26.17
O2 SO4 V . -44.98 -20.92 25.80
O3 SO4 V . -43.72 -20.22 23.91
O4 SO4 V . -42.84 -21.89 25.40
S SO4 W . -25.60 -11.60 22.86
O1 SO4 W . -26.13 -12.99 22.74
O2 SO4 W . -26.21 -10.77 21.82
O3 SO4 W . -25.94 -11.03 24.16
O4 SO4 W . -24.15 -11.65 22.73
S SO4 X . -34.62 -44.37 -11.98
O1 SO4 X . -33.35 -43.69 -12.30
O2 SO4 X . -35.56 -43.36 -11.57
O3 SO4 X . -35.17 -45.05 -13.16
O4 SO4 X . -34.41 -45.38 -10.93
S SO4 Y . -34.88 -50.76 -7.47
O1 SO4 Y . -34.46 -50.02 -6.29
O2 SO4 Y . -35.36 -49.85 -8.52
O3 SO4 Y . -33.76 -51.56 -8.01
O4 SO4 Y . -35.95 -51.65 -7.03
S SO4 Z . -58.24 -28.11 6.46
O1 SO4 Z . -57.02 -28.89 6.66
O2 SO4 Z . -58.09 -26.83 7.16
O3 SO4 Z . -58.45 -27.90 5.03
O4 SO4 Z . -59.36 -28.86 7.03
S SO4 AA . -22.38 -33.21 -12.99
O1 SO4 AA . -22.51 -32.80 -11.61
O2 SO4 AA . -23.43 -32.57 -13.76
O3 SO4 AA . -21.04 -32.80 -13.42
O4 SO4 AA . -22.47 -34.67 -13.09
#